data_3W7A
#
_entry.id   3W7A
#
_cell.length_a   191.982
_cell.length_b   56.618
_cell.length_c   105.518
_cell.angle_alpha   90.000
_cell.angle_beta   115.710
_cell.angle_gamma   90.000
#
_symmetry.space_group_name_H-M   'C 1 2 1'
#
loop_
_entity.id
_entity.type
_entity.pdbx_description
1 polymer 'FMN-dependent NADH-azoreductase'
2 non-polymer 'FLAVIN MONONUCLEOTIDE'
3 non-polymer '4-[(E)-(2-hydroxynaphthalen-1-yl)diazenyl]naphthalene-1-sulfonic acid'
4 non-polymer 'CALCIUM ION'
5 non-polymer 'POTASSIUM ION'
6 water water
#
_entity_poly.entity_id   1
_entity_poly.type   'polypeptide(L)'
_entity_poly.pdbx_seq_one_letter_code
;MTKVLFITANPNSAEGSFGMAVGEAFIEAYKNEHPQDEVVTIDLFNTTVPAIDADVFAAWGKFAAGEGFEALTEVQQQKV
AAMNTNLETFMNADRYVFVTPMWNFSYPPVVKAYLDNVAIAGKTFKYTENGPVGLLEGKKALHIQATGGVYSEGAYAAVD
FGRNHLKTVLGFVGVNDTEYIAVEGMNANPEKAQEIKEAAIANARELAKRF
;
_entity_poly.pdbx_strand_id   A,B,C,D
#
# COMPACT_ATOMS: atom_id res chain seq x y z
N THR A 2 6.11 -9.79 -20.14
CA THR A 2 6.59 -8.37 -20.04
C THR A 2 5.46 -7.38 -19.67
N LYS A 3 5.70 -6.54 -18.64
CA LYS A 3 4.73 -5.52 -18.21
C LYS A 3 5.19 -4.15 -18.68
N VAL A 4 4.29 -3.43 -19.34
CA VAL A 4 4.62 -2.13 -19.91
C VAL A 4 3.74 -1.08 -19.26
N LEU A 5 4.34 0.00 -18.78
CA LEU A 5 3.57 1.21 -18.43
C LEU A 5 3.59 2.20 -19.59
N PHE A 6 2.42 2.68 -19.99
CA PHE A 6 2.33 3.66 -21.06
C PHE A 6 1.88 4.88 -20.27
N ILE A 7 2.82 5.77 -20.00
CA ILE A 7 2.59 6.88 -19.09
C ILE A 7 2.43 8.12 -19.91
N THR A 8 1.23 8.71 -19.91
CA THR A 8 1.03 9.89 -20.76
C THR A 8 0.79 11.14 -19.92
N ALA A 9 1.33 12.28 -20.37
CA ALA A 9 1.06 13.56 -19.72
C ALA A 9 0.68 14.59 -20.76
N ASN A 10 -0.46 14.38 -21.36
CA ASN A 10 -1.01 15.35 -22.24
C ASN A 10 -2.50 15.42 -21.97
N PRO A 11 -3.05 16.64 -21.80
CA PRO A 11 -4.53 16.73 -21.58
C PRO A 11 -5.37 16.33 -22.79
N ASN A 12 -4.74 16.24 -23.96
CA ASN A 12 -5.42 15.90 -25.22
C ASN A 12 -5.29 14.42 -25.61
N SER A 13 -6.25 13.91 -26.37
CA SER A 13 -6.22 12.54 -26.84
C SER A 13 -5.30 12.46 -28.04
N ALA A 14 -5.14 11.23 -28.54
CA ALA A 14 -4.41 10.97 -29.76
C ALA A 14 -5.00 11.67 -30.98
N GLU A 15 -6.25 12.12 -30.88
CA GLU A 15 -6.93 12.81 -31.97
C GLU A 15 -6.51 14.28 -32.04
N GLY A 16 -6.13 14.88 -30.90
CA GLY A 16 -5.71 16.29 -30.91
C GLY A 16 -4.31 16.65 -30.41
N SER A 17 -3.37 15.71 -30.46
CA SER A 17 -2.04 15.90 -29.92
C SER A 17 -1.10 15.09 -30.76
N PHE A 18 0.00 15.71 -31.20
CA PHE A 18 1.03 15.07 -32.01
C PHE A 18 1.76 13.94 -31.26
N GLY A 19 2.22 14.24 -30.03
CA GLY A 19 2.85 13.23 -29.14
C GLY A 19 1.96 12.01 -28.90
N MET A 20 0.66 12.26 -28.64
CA MET A 20 -0.28 11.16 -28.34
C MET A 20 -0.57 10.28 -29.58
N ALA A 21 -0.73 10.89 -30.76
CA ALA A 21 -0.82 10.15 -32.00
C ALA A 21 0.42 9.26 -32.20
N VAL A 22 1.60 9.75 -31.85
CA VAL A 22 2.80 9.00 -32.08
C VAL A 22 2.87 7.89 -31.02
N GLY A 23 2.62 8.26 -29.77
CA GLY A 23 2.64 7.29 -28.66
C GLY A 23 1.58 6.22 -28.82
N GLU A 24 0.39 6.63 -29.23
CA GLU A 24 -0.61 5.62 -29.60
C GLU A 24 -0.19 4.65 -30.73
N ALA A 25 0.39 5.17 -31.81
CA ALA A 25 0.89 4.29 -32.86
C ALA A 25 1.98 3.36 -32.30
N PHE A 26 2.88 3.89 -31.48
CA PHE A 26 3.89 3.03 -30.89
C PHE A 26 3.28 1.89 -30.07
N ILE A 27 2.42 2.25 -29.12
CA ILE A 27 1.94 1.28 -28.15
C ILE A 27 1.03 0.23 -28.80
N GLU A 28 0.29 0.63 -29.82
CA GLU A 28 -0.54 -0.33 -30.56
C GLU A 28 0.24 -1.27 -31.50
N ALA A 29 1.29 -0.76 -32.13
CA ALA A 29 2.23 -1.63 -32.89
C ALA A 29 2.90 -2.60 -31.93
N TYR A 30 3.18 -2.11 -30.72
CA TYR A 30 3.87 -2.96 -29.73
C TYR A 30 2.99 -4.13 -29.26
N LYS A 31 1.73 -3.83 -28.93
CA LYS A 31 0.81 -4.89 -28.48
C LYS A 31 0.57 -5.91 -29.57
N ASN A 32 0.45 -5.43 -30.81
CA ASN A 32 0.36 -6.30 -31.97
C ASN A 32 1.54 -7.25 -32.10
N GLU A 33 2.76 -6.75 -31.90
CA GLU A 33 3.97 -7.58 -31.95
C GLU A 33 4.03 -8.52 -30.76
N HIS A 34 3.44 -8.13 -29.65
CA HIS A 34 3.59 -8.94 -28.44
C HIS A 34 2.27 -9.09 -27.74
N PRO A 35 1.33 -9.90 -28.30
CA PRO A 35 -0.04 -9.94 -27.80
C PRO A 35 -0.13 -10.49 -26.38
N GLN A 36 0.89 -11.17 -25.89
CA GLN A 36 0.81 -11.65 -24.51
C GLN A 36 1.38 -10.69 -23.48
N ASP A 37 1.91 -9.54 -23.90
CA ASP A 37 2.40 -8.53 -22.96
C ASP A 37 1.27 -7.71 -22.29
N GLU A 38 1.41 -7.39 -21.00
CA GLU A 38 0.41 -6.57 -20.29
C GLU A 38 0.83 -5.11 -20.44
N VAL A 39 -0.12 -4.27 -20.80
CA VAL A 39 0.17 -2.86 -20.98
C VAL A 39 -0.86 -2.07 -20.17
N VAL A 40 -0.38 -1.29 -19.20
CA VAL A 40 -1.24 -0.50 -18.31
C VAL A 40 -1.07 0.96 -18.71
N THR A 41 -2.13 1.71 -19.02
CA THR A 41 -1.90 3.11 -19.29
C THR A 41 -2.03 3.90 -17.98
N ILE A 42 -1.05 4.77 -17.71
CA ILE A 42 -1.14 5.73 -16.62
C ILE A 42 -1.33 7.14 -17.26
N ASP A 43 -2.56 7.63 -17.26
CA ASP A 43 -2.86 8.97 -17.74
C ASP A 43 -2.57 9.93 -16.60
N LEU A 44 -1.48 10.67 -16.67
CA LEU A 44 -1.10 11.45 -15.48
C LEU A 44 -2.08 12.57 -15.18
N PHE A 45 -2.85 13.03 -16.16
CA PHE A 45 -3.87 14.05 -15.88
C PHE A 45 -5.13 13.51 -15.19
N ASN A 46 -5.26 12.19 -15.08
CA ASN A 46 -6.37 11.55 -14.39
C ASN A 46 -5.91 10.45 -13.43
N THR A 47 -4.82 10.68 -12.71
CA THR A 47 -4.23 9.70 -11.79
C THR A 47 -3.88 10.51 -10.53
N THR A 48 -4.06 9.96 -9.33
CA THR A 48 -3.64 10.78 -8.20
C THR A 48 -2.12 10.63 -8.03
N VAL A 49 -1.43 11.76 -8.10
CA VAL A 49 0.02 11.84 -8.07
C VAL A 49 0.33 12.94 -7.07
N PRO A 50 0.35 12.61 -5.76
CA PRO A 50 0.59 13.57 -4.69
C PRO A 50 1.91 14.28 -4.82
N ALA A 51 1.85 15.60 -4.67
CA ALA A 51 3.05 16.44 -4.55
C ALA A 51 3.70 16.20 -3.21
N ILE A 52 5.03 16.08 -3.17
CA ILE A 52 5.73 16.16 -1.90
C ILE A 52 5.42 17.52 -1.23
N ASP A 53 4.82 17.49 -0.04
CA ASP A 53 4.39 18.71 0.68
C ASP A 53 4.56 18.49 2.19
N ALA A 54 3.99 19.37 3.02
CA ALA A 54 4.20 19.32 4.48
C ALA A 54 3.63 18.03 5.06
N ASP A 55 2.49 17.61 4.54
CA ASP A 55 1.92 16.33 4.94
C ASP A 55 2.84 15.15 4.66
N VAL A 56 3.42 15.06 3.45
CA VAL A 56 4.31 13.95 3.14
C VAL A 56 5.57 14.00 4.02
N PHE A 57 6.16 15.18 4.14
CA PHE A 57 7.30 15.33 5.04
C PHE A 57 6.94 14.83 6.45
N ALA A 58 5.78 15.24 6.97
CA ALA A 58 5.30 14.76 8.27
C ALA A 58 5.14 13.25 8.33
N ALA A 59 4.60 12.65 7.26
CA ALA A 59 4.39 11.21 7.24
C ALA A 59 5.74 10.50 7.28
N TRP A 60 6.67 11.02 6.49
CA TRP A 60 8.01 10.47 6.41
C TRP A 60 8.69 10.48 7.76
N GLY A 61 8.47 11.55 8.53
CA GLY A 61 9.05 11.70 9.87
C GLY A 61 8.56 10.64 10.84
N LYS A 62 7.26 10.34 10.79
CA LYS A 62 6.68 9.25 11.58
C LYS A 62 7.27 7.88 11.22
N PHE A 63 7.34 7.58 9.93
CA PHE A 63 7.96 6.34 9.46
C PHE A 63 9.44 6.20 9.86
N ALA A 64 10.22 7.27 9.70
CA ALA A 64 11.61 7.32 10.17
C ALA A 64 11.68 7.11 11.67
N ALA A 65 10.76 7.75 12.41
CA ALA A 65 10.57 7.51 13.84
C ALA A 65 10.03 6.11 14.12
N GLY A 66 9.99 5.26 13.08
CA GLY A 66 9.50 3.90 13.18
C GLY A 66 8.06 3.76 13.62
N GLU A 67 7.21 4.72 13.22
CA GLU A 67 5.79 4.64 13.55
C GLU A 67 5.00 3.97 12.43
N GLY A 68 3.77 3.55 12.73
CA GLY A 68 2.94 2.90 11.73
C GLY A 68 1.98 3.86 11.06
N PHE A 69 1.14 3.29 10.19
CA PHE A 69 0.24 4.02 9.30
C PHE A 69 -0.86 4.77 10.06
N GLU A 70 -1.22 4.26 11.24
CA GLU A 70 -2.28 4.84 12.09
C GLU A 70 -1.85 6.08 12.89
N ALA A 71 -0.56 6.41 12.82
CA ALA A 71 -0.06 7.66 13.39
C ALA A 71 -0.27 8.84 12.43
N LEU A 72 -0.52 8.54 11.17
CA LEU A 72 -0.79 9.57 10.15
C LEU A 72 -2.23 10.06 10.25
N THR A 73 -2.46 11.32 9.93
CA THR A 73 -3.81 11.83 9.77
C THR A 73 -4.47 11.19 8.52
N GLU A 74 -5.77 11.39 8.34
CA GLU A 74 -6.47 10.85 7.18
C GLU A 74 -5.87 11.36 5.85
N VAL A 75 -5.67 12.65 5.70
CA VAL A 75 -5.07 13.17 4.47
C VAL A 75 -3.63 12.65 4.20
N GLN A 76 -2.80 12.58 5.24
CA GLN A 76 -1.48 11.96 5.12
C GLN A 76 -1.57 10.49 4.66
N GLN A 77 -2.43 9.72 5.30
CA GLN A 77 -2.76 8.36 4.87
C GLN A 77 -3.09 8.27 3.35
N GLN A 78 -3.99 9.14 2.89
CA GLN A 78 -4.44 9.13 1.51
C GLN A 78 -3.28 9.49 0.57
N LYS A 79 -2.45 10.46 0.98
CA LYS A 79 -1.32 10.87 0.18
C LYS A 79 -0.29 9.77 0.04
N VAL A 80 0.05 9.13 1.16
CA VAL A 80 1.07 8.10 1.16
C VAL A 80 0.62 6.83 0.43
N ALA A 81 -0.66 6.49 0.50
CA ALA A 81 -1.15 5.28 -0.12
C ALA A 81 -1.13 5.46 -1.65
N ALA A 82 -1.52 6.63 -2.14
CA ALA A 82 -1.34 6.94 -3.55
C ALA A 82 0.15 6.96 -4.02
N MET A 83 1.04 7.60 -3.26
CA MET A 83 2.47 7.56 -3.58
C MET A 83 3.01 6.14 -3.59
N ASN A 84 2.55 5.33 -2.64
CA ASN A 84 2.92 3.91 -2.57
C ASN A 84 2.47 3.10 -3.80
N THR A 85 1.21 3.23 -4.18
CA THR A 85 0.70 2.62 -5.42
C THR A 85 1.55 2.97 -6.65
N ASN A 86 1.85 4.27 -6.81
CA ASN A 86 2.59 4.76 -7.98
C ASN A 86 4.00 4.18 -7.97
N LEU A 87 4.67 4.20 -6.81
CA LEU A 87 5.96 3.59 -6.66
C LEU A 87 5.91 2.12 -7.03
N GLU A 88 4.90 1.41 -6.54
CA GLU A 88 4.92 -0.06 -6.63
C GLU A 88 4.62 -0.53 -8.06
N THR A 89 3.72 0.15 -8.75
CA THR A 89 3.42 -0.06 -10.17
C THR A 89 4.67 0.20 -11.05
N PHE A 90 5.35 1.32 -10.83
CA PHE A 90 6.64 1.61 -11.53
C PHE A 90 7.72 0.53 -11.35
N MET A 91 7.94 0.19 -10.09
CA MET A 91 8.98 -0.80 -9.75
C MET A 91 8.70 -2.15 -10.39
N ASN A 92 7.43 -2.51 -10.49
CA ASN A 92 7.07 -3.82 -11.02
C ASN A 92 6.99 -3.97 -12.54
N ALA A 93 6.89 -2.87 -13.27
CA ALA A 93 6.81 -2.97 -14.72
C ALA A 93 8.22 -3.20 -15.31
N ASP A 94 8.32 -3.67 -16.56
CA ASP A 94 9.60 -3.95 -17.21
C ASP A 94 10.01 -2.87 -18.22
N ARG A 95 9.02 -2.12 -18.72
CA ARG A 95 9.25 -1.15 -19.80
C ARG A 95 8.42 0.07 -19.49
N TYR A 96 8.93 1.24 -19.85
CA TYR A 96 8.19 2.53 -19.62
C TYR A 96 8.12 3.33 -20.90
N VAL A 97 6.95 3.84 -21.25
CA VAL A 97 6.79 4.73 -22.40
C VAL A 97 6.25 6.03 -21.82
N PHE A 98 6.98 7.13 -22.03
CA PHE A 98 6.49 8.44 -21.56
C PHE A 98 6.16 9.26 -22.82
N VAL A 99 5.04 9.98 -22.77
CA VAL A 99 4.61 10.81 -23.85
C VAL A 99 4.39 12.17 -23.23
N THR A 100 5.17 13.15 -23.70
CA THR A 100 5.03 14.53 -23.22
C THR A 100 5.04 15.58 -24.32
N PRO A 101 4.38 16.73 -24.07
CA PRO A 101 4.58 17.86 -24.91
C PRO A 101 5.63 18.74 -24.25
N MET A 102 6.31 19.55 -25.06
CA MET A 102 7.17 20.59 -24.50
C MET A 102 6.35 21.85 -24.22
N TRP A 103 6.28 22.25 -22.95
CA TRP A 103 5.68 23.53 -22.58
C TRP A 103 6.73 24.40 -21.89
N ASN A 104 6.99 25.60 -22.42
CA ASN A 104 8.01 26.50 -21.80
C ASN A 104 9.35 25.78 -21.48
N PHE A 105 9.85 25.14 -22.52
CA PHE A 105 11.14 24.44 -22.49
C PHE A 105 11.22 23.23 -21.56
N SER A 106 10.09 22.79 -21.01
CA SER A 106 10.08 21.55 -20.21
C SER A 106 8.75 20.75 -20.37
N TYR A 107 8.53 19.76 -19.50
CA TYR A 107 7.34 18.91 -19.58
C TYR A 107 6.25 19.49 -18.66
N PRO A 108 5.02 18.94 -18.71
CA PRO A 108 4.01 19.41 -17.75
C PRO A 108 4.39 19.11 -16.31
N PRO A 109 3.97 19.97 -15.35
CA PRO A 109 4.34 19.77 -13.94
C PRO A 109 4.06 18.38 -13.32
N VAL A 110 2.99 17.68 -13.73
CA VAL A 110 2.69 16.38 -13.14
C VAL A 110 3.79 15.32 -13.45
N VAL A 111 4.61 15.57 -14.46
CA VAL A 111 5.72 14.68 -14.75
C VAL A 111 6.78 14.74 -13.65
N LYS A 112 7.14 15.95 -13.21
CA LYS A 112 8.01 16.02 -12.06
C LYS A 112 7.32 15.41 -10.83
N ALA A 113 6.02 15.65 -10.63
CA ALA A 113 5.35 15.04 -9.46
C ALA A 113 5.43 13.49 -9.52
N TYR A 114 5.22 12.91 -10.69
CA TYR A 114 5.37 11.47 -10.84
C TYR A 114 6.80 10.96 -10.59
N LEU A 115 7.81 11.63 -11.13
CA LEU A 115 9.20 11.30 -10.88
C LEU A 115 9.52 11.34 -9.36
N ASP A 116 8.91 12.29 -8.67
CA ASP A 116 9.12 12.45 -7.24
C ASP A 116 8.49 11.30 -6.48
N ASN A 117 7.39 10.72 -7.01
CA ASN A 117 6.77 9.51 -6.41
C ASN A 117 7.65 8.29 -6.60
N VAL A 118 8.38 8.26 -7.70
CA VAL A 118 9.00 7.06 -8.21
C VAL A 118 10.50 6.94 -7.84
N ALA A 119 11.14 8.06 -7.52
CA ALA A 119 12.53 8.08 -7.13
C ALA A 119 12.67 8.10 -5.61
N ILE A 120 12.80 6.93 -5.00
CA ILE A 120 12.72 6.76 -3.53
C ILE A 120 13.94 5.99 -3.03
N ALA A 121 14.64 6.58 -2.07
CA ALA A 121 15.84 5.97 -1.47
C ALA A 121 15.48 4.67 -0.80
N GLY A 122 16.32 3.65 -0.95
CA GLY A 122 16.03 2.36 -0.39
C GLY A 122 15.12 1.55 -1.28
N LYS A 123 14.44 2.19 -2.23
CA LYS A 123 13.52 1.46 -3.12
C LYS A 123 13.99 1.46 -4.56
N THR A 124 14.26 2.63 -5.14
CA THR A 124 14.73 2.69 -6.55
C THR A 124 16.16 3.21 -6.72
N PHE A 125 16.75 3.68 -5.61
CA PHE A 125 18.16 4.06 -5.57
C PHE A 125 18.66 3.97 -4.12
N LYS A 126 19.98 3.92 -3.97
CA LYS A 126 20.60 3.78 -2.64
C LYS A 126 21.84 4.66 -2.62
N TYR A 127 22.28 5.02 -1.41
CA TYR A 127 23.46 5.84 -1.26
C TYR A 127 24.72 4.99 -1.24
N THR A 128 25.73 5.47 -1.95
CA THR A 128 26.98 4.74 -2.17
C THR A 128 28.19 5.56 -1.75
N GLU A 129 29.29 4.86 -1.43
CA GLU A 129 30.59 5.48 -1.14
C GLU A 129 30.96 6.63 -2.09
N ASN A 130 30.64 6.46 -3.38
CA ASN A 130 30.87 7.48 -4.42
C ASN A 130 29.62 8.27 -4.80
N GLY A 131 28.49 7.91 -4.21
CA GLY A 131 27.26 8.61 -4.50
C GLY A 131 26.16 7.69 -5.00
N PRO A 132 24.92 8.22 -5.10
CA PRO A 132 23.71 7.50 -5.44
C PRO A 132 23.87 6.53 -6.59
N VAL A 133 23.29 5.34 -6.49
CA VAL A 133 23.21 4.42 -7.62
C VAL A 133 21.79 3.84 -7.71
N GLY A 134 21.33 3.56 -8.94
CA GLY A 134 20.01 2.97 -9.13
C GLY A 134 19.86 1.55 -8.65
N LEU A 135 18.67 1.18 -8.21
CA LEU A 135 18.37 -0.18 -7.80
C LEU A 135 17.67 -0.99 -8.88
N LEU A 136 17.03 -0.31 -9.83
CA LEU A 136 16.25 -1.00 -10.86
C LEU A 136 17.14 -1.58 -11.96
N GLU A 137 16.96 -2.86 -12.26
CA GLU A 137 17.72 -3.57 -13.28
C GLU A 137 16.73 -4.17 -14.27
N GLY A 138 17.16 -4.38 -15.52
CA GLY A 138 16.30 -5.06 -16.50
C GLY A 138 15.17 -4.22 -17.13
N LYS A 139 15.28 -2.91 -17.04
CA LYS A 139 14.24 -2.02 -17.54
C LYS A 139 14.66 -1.30 -18.80
N LYS A 140 13.69 -0.81 -19.56
CA LYS A 140 13.95 -0.07 -20.79
C LYS A 140 12.88 1.02 -20.87
N ALA A 141 13.24 2.19 -21.37
CA ALA A 141 12.30 3.30 -21.45
C ALA A 141 12.35 3.97 -22.80
N LEU A 142 11.20 4.51 -23.19
CA LEU A 142 11.06 5.31 -24.40
C LEU A 142 10.45 6.63 -23.99
N HIS A 143 11.03 7.74 -24.45
CA HIS A 143 10.40 9.05 -24.29
C HIS A 143 10.01 9.51 -25.63
N ILE A 144 8.72 9.79 -25.83
CA ILE A 144 8.24 10.43 -27.06
C ILE A 144 7.88 11.88 -26.69
N GLN A 145 8.47 12.87 -27.33
CA GLN A 145 8.17 14.27 -26.96
C GLN A 145 7.78 15.07 -28.17
N ALA A 146 6.72 15.87 -28.07
CA ALA A 146 6.34 16.72 -29.19
C ALA A 146 6.70 18.17 -28.83
N THR A 147 7.30 18.88 -29.77
CA THR A 147 7.82 20.23 -29.51
C THR A 147 7.51 21.09 -30.74
N GLY A 148 7.09 22.35 -30.50
CA GLY A 148 6.89 23.33 -31.56
C GLY A 148 8.13 23.61 -32.43
N GLY A 149 9.28 23.88 -31.81
CA GLY A 149 10.56 24.13 -32.50
C GLY A 149 11.32 22.82 -32.62
N VAL A 150 12.61 22.89 -32.97
CA VAL A 150 13.48 21.71 -33.15
C VAL A 150 14.61 21.74 -32.11
N TYR A 151 14.68 20.73 -31.23
CA TYR A 151 15.71 20.76 -30.15
C TYR A 151 16.46 19.44 -30.09
N SER A 152 16.16 18.49 -30.96
CA SER A 152 16.71 17.15 -30.81
C SER A 152 18.25 17.09 -30.99
N GLU A 153 18.82 17.99 -31.78
CA GLU A 153 20.27 18.12 -31.90
C GLU A 153 20.67 19.58 -32.08
N GLY A 154 21.94 19.88 -31.95
CA GLY A 154 22.40 21.25 -32.20
C GLY A 154 22.48 22.04 -30.91
N ALA A 155 22.58 23.35 -31.07
CA ALA A 155 22.70 24.29 -29.98
C ALA A 155 21.44 24.26 -29.09
N TYR A 156 20.26 24.17 -29.69
CA TYR A 156 19.01 24.16 -28.93
C TYR A 156 18.79 22.93 -28.04
N ALA A 157 19.55 21.87 -28.29
CA ALA A 157 19.54 20.71 -27.39
C ALA A 157 19.79 21.12 -25.90
N ALA A 158 20.58 22.16 -25.66
CA ALA A 158 20.92 22.55 -24.28
C ALA A 158 19.73 23.11 -23.50
N VAL A 159 18.69 23.54 -24.20
CA VAL A 159 17.46 24.00 -23.54
C VAL A 159 16.30 22.98 -23.63
N ASP A 160 16.59 21.75 -24.06
CA ASP A 160 15.56 20.70 -24.04
C ASP A 160 15.45 20.10 -22.65
N PHE A 161 14.93 20.84 -21.68
CA PHE A 161 15.00 20.42 -20.27
C PHE A 161 14.13 19.23 -19.85
N GLY A 162 12.95 19.12 -20.45
CA GLY A 162 12.08 17.97 -20.28
C GLY A 162 12.73 16.63 -20.58
N ARG A 163 13.22 16.51 -21.81
CA ARG A 163 13.95 15.37 -22.23
C ARG A 163 15.19 15.12 -21.39
N ASN A 164 16.00 16.15 -21.18
CA ASN A 164 17.28 15.96 -20.47
C ASN A 164 17.07 15.61 -19.01
N HIS A 165 16.15 16.29 -18.38
CA HIS A 165 15.87 15.92 -16.98
C HIS A 165 15.25 14.55 -16.82
N LEU A 166 14.25 14.21 -17.65
CA LEU A 166 13.64 12.86 -17.57
C LEU A 166 14.69 11.75 -17.77
N LYS A 167 15.55 11.89 -18.78
CA LYS A 167 16.59 10.92 -18.98
C LYS A 167 17.54 10.81 -17.78
N THR A 168 17.90 11.93 -17.19
CA THR A 168 18.74 11.93 -15.98
C THR A 168 18.16 11.16 -14.79
N VAL A 169 16.92 11.43 -14.43
CA VAL A 169 16.24 10.69 -13.35
C VAL A 169 16.07 9.21 -13.70
N LEU A 170 15.72 8.88 -14.94
CA LEU A 170 15.59 7.46 -15.26
C LEU A 170 16.94 6.78 -15.06
N GLY A 171 18.03 7.41 -15.51
CA GLY A 171 19.35 6.81 -15.37
C GLY A 171 19.72 6.69 -13.90
N PHE A 172 19.32 7.70 -13.13
CA PHE A 172 19.55 7.73 -11.70
C PHE A 172 18.91 6.54 -10.95
N VAL A 173 17.72 6.11 -11.37
CA VAL A 173 17.09 4.95 -10.73
C VAL A 173 17.46 3.60 -11.35
N GLY A 174 18.37 3.57 -12.31
CA GLY A 174 18.82 2.32 -12.90
C GLY A 174 18.41 2.08 -14.35
N VAL A 175 17.51 2.93 -14.90
CA VAL A 175 16.98 2.78 -16.27
C VAL A 175 17.88 3.60 -17.21
N ASN A 176 18.97 2.99 -17.58
CA ASN A 176 19.94 3.65 -18.43
C ASN A 176 19.67 3.34 -19.90
N ASP A 177 18.88 2.30 -20.18
CA ASP A 177 18.51 1.92 -21.54
C ASP A 177 17.28 2.73 -21.99
N THR A 178 17.51 3.88 -22.61
CA THR A 178 16.39 4.74 -23.00
C THR A 178 16.40 5.04 -24.47
N GLU A 179 15.22 5.17 -25.06
CA GLU A 179 15.09 5.52 -26.45
C GLU A 179 14.35 6.87 -26.51
N TYR A 180 14.56 7.62 -27.59
CA TYR A 180 13.93 8.93 -27.73
C TYR A 180 13.29 9.13 -29.10
N ILE A 181 12.03 9.58 -29.15
CA ILE A 181 11.45 9.99 -30.41
C ILE A 181 10.96 11.42 -30.28
N ALA A 182 11.52 12.29 -31.12
CA ALA A 182 11.06 13.67 -31.17
C ALA A 182 10.01 13.84 -32.28
N VAL A 183 8.90 14.50 -31.98
CA VAL A 183 7.91 14.88 -33.02
C VAL A 183 7.99 16.39 -33.00
N GLU A 184 8.81 16.95 -33.88
CA GLU A 184 9.34 18.31 -33.71
C GLU A 184 9.23 19.21 -34.95
N GLY A 185 9.03 20.51 -34.72
CA GLY A 185 9.10 21.48 -35.78
C GLY A 185 7.75 21.87 -36.37
N MET A 186 6.65 21.32 -35.81
CA MET A 186 5.29 21.52 -36.34
C MET A 186 4.84 22.97 -36.28
N ASN A 187 5.31 23.71 -35.27
CA ASN A 187 5.00 25.13 -35.17
C ASN A 187 5.95 26.05 -35.96
N ALA A 188 7.19 25.61 -36.16
CA ALA A 188 8.17 26.27 -37.00
C ALA A 188 7.84 26.03 -38.48
N ASN A 189 7.28 24.88 -38.82
CA ASN A 189 6.83 24.72 -40.20
C ASN A 189 5.46 24.07 -40.24
N PRO A 190 4.40 24.88 -40.16
CA PRO A 190 3.04 24.31 -40.02
C PRO A 190 2.60 23.60 -41.30
N GLU A 191 3.21 23.99 -42.42
CA GLU A 191 2.95 23.37 -43.72
C GLU A 191 3.43 21.93 -43.82
N LYS A 192 4.42 21.61 -42.99
CA LYS A 192 5.00 20.28 -42.97
C LYS A 192 4.51 19.46 -41.76
N ALA A 193 3.69 20.04 -40.90
CA ALA A 193 3.19 19.35 -39.71
C ALA A 193 2.66 17.91 -39.98
N GLN A 194 1.85 17.72 -41.02
CA GLN A 194 1.27 16.41 -41.32
C GLN A 194 2.34 15.38 -41.67
N GLU A 195 3.32 15.77 -42.49
CA GLU A 195 4.41 14.86 -42.83
C GLU A 195 5.39 14.63 -41.71
N ILE A 196 5.56 15.64 -40.86
CA ILE A 196 6.37 15.50 -39.66
C ILE A 196 5.69 14.44 -38.77
N LYS A 197 4.37 14.53 -38.63
CA LYS A 197 3.64 13.58 -37.80
C LYS A 197 3.74 12.17 -38.38
N GLU A 198 3.59 12.05 -39.69
CA GLU A 198 3.59 10.76 -40.37
C GLU A 198 4.94 10.07 -40.28
N ALA A 199 6.00 10.87 -40.44
CA ALA A 199 7.36 10.35 -40.36
C ALA A 199 7.66 9.80 -38.93
N ALA A 200 7.12 10.46 -37.91
CA ALA A 200 7.37 10.07 -36.48
C ALA A 200 6.50 8.87 -36.13
N ILE A 201 5.30 8.86 -36.69
CA ILE A 201 4.43 7.67 -36.58
C ILE A 201 5.16 6.43 -37.14
N ALA A 202 5.78 6.58 -38.34
CA ALA A 202 6.50 5.50 -38.99
C ALA A 202 7.76 5.12 -38.20
N ASN A 203 8.45 6.12 -37.68
CA ASN A 203 9.53 5.89 -36.76
C ASN A 203 9.08 5.03 -35.53
N ALA A 204 7.96 5.40 -34.91
CA ALA A 204 7.40 4.68 -33.76
C ALA A 204 7.01 3.21 -34.07
N ARG A 205 6.39 2.98 -35.22
CA ARG A 205 5.96 1.64 -35.61
C ARG A 205 7.17 0.71 -35.86
N GLU A 206 8.24 1.22 -36.45
CA GLU A 206 9.48 0.45 -36.57
C GLU A 206 10.13 0.19 -35.20
N LEU A 207 10.15 1.22 -34.34
CA LEU A 207 10.73 1.05 -33.01
C LEU A 207 10.02 -0.07 -32.27
N ALA A 208 8.70 -0.13 -32.43
CA ALA A 208 7.88 -1.16 -31.75
C ALA A 208 8.34 -2.58 -32.02
N LYS A 209 8.86 -2.81 -33.21
CA LYS A 209 9.35 -4.15 -33.61
C LYS A 209 10.63 -4.54 -32.91
N ARG A 210 11.35 -3.57 -32.35
CA ARG A 210 12.63 -3.88 -31.68
C ARG A 210 12.74 -3.39 -30.25
N PHE A 211 11.61 -2.99 -29.68
CA PHE A 211 11.63 -2.48 -28.31
C PHE A 211 11.39 -3.59 -27.30
N THR B 2 8.92 50.23 -5.46
CA THR B 2 9.45 48.93 -5.96
C THR B 2 8.68 47.80 -5.33
N LYS B 3 8.05 46.96 -6.15
CA LYS B 3 7.33 45.78 -5.64
C LYS B 3 8.18 44.54 -5.84
N VAL B 4 8.43 43.83 -4.74
CA VAL B 4 9.18 42.59 -4.69
C VAL B 4 8.26 41.38 -4.49
N LEU B 5 8.40 40.38 -5.36
CA LEU B 5 7.72 39.09 -5.16
C LEU B 5 8.68 38.08 -4.53
N PHE B 6 8.34 37.61 -3.33
CA PHE B 6 9.10 36.58 -2.61
C PHE B 6 8.38 35.24 -2.80
N ILE B 7 8.86 34.46 -3.78
CA ILE B 7 8.17 33.29 -4.32
C ILE B 7 8.86 32.04 -3.75
N THR B 8 8.22 31.37 -2.81
CA THR B 8 8.88 30.29 -2.11
C THR B 8 8.22 28.96 -2.49
N ALA B 9 9.05 27.92 -2.65
CA ALA B 9 8.59 26.56 -2.97
C ALA B 9 9.24 25.56 -2.03
N ASN B 10 9.02 25.77 -0.76
CA ASN B 10 9.51 24.82 0.21
C ASN B 10 8.42 24.49 1.24
N PRO B 11 8.19 23.19 1.52
CA PRO B 11 7.15 22.90 2.53
C PRO B 11 7.50 23.29 3.99
N ASN B 12 8.77 23.42 4.31
CA ASN B 12 9.20 23.97 5.61
C ASN B 12 9.40 25.48 5.54
N SER B 13 9.34 26.13 6.70
CA SER B 13 9.69 27.53 6.83
C SER B 13 11.17 27.56 7.19
N ALA B 14 11.67 28.75 7.51
CA ALA B 14 13.10 28.97 7.78
C ALA B 14 13.69 28.06 8.84
N GLU B 15 12.83 27.58 9.74
CA GLU B 15 13.16 26.67 10.84
C GLU B 15 13.70 25.31 10.40
N GLY B 16 13.24 24.80 9.26
CA GLY B 16 13.64 23.48 8.83
C GLY B 16 14.01 23.38 7.36
N SER B 17 14.42 24.50 6.76
CA SER B 17 14.82 24.56 5.35
C SER B 17 16.04 25.50 5.22
N PHE B 18 17.14 24.99 4.64
CA PHE B 18 18.33 25.83 4.42
C PHE B 18 18.02 26.95 3.44
N GLY B 19 17.25 26.64 2.40
CA GLY B 19 16.96 27.69 1.40
C GLY B 19 16.11 28.81 1.98
N MET B 20 15.11 28.41 2.77
CA MET B 20 14.23 29.36 3.46
C MET B 20 14.95 30.25 4.50
N ALA B 21 15.95 29.70 5.21
CA ALA B 21 16.74 30.50 6.15
C ALA B 21 17.53 31.54 5.35
N VAL B 22 18.05 31.16 4.17
CA VAL B 22 18.84 32.10 3.39
C VAL B 22 17.91 33.18 2.77
N GLY B 23 16.78 32.74 2.24
CA GLY B 23 15.79 33.61 1.58
C GLY B 23 15.18 34.57 2.57
N GLU B 24 14.91 34.06 3.77
CA GLU B 24 14.40 34.94 4.85
C GLU B 24 15.42 35.99 5.30
N ALA B 25 16.68 35.58 5.58
CA ALA B 25 17.76 36.56 5.79
C ALA B 25 17.88 37.62 4.66
N PHE B 26 17.81 37.18 3.38
CA PHE B 26 17.89 38.12 2.26
C PHE B 26 16.77 39.15 2.37
N ILE B 27 15.56 38.70 2.69
CA ILE B 27 14.38 39.56 2.66
C ILE B 27 14.40 40.59 3.82
N GLU B 28 14.87 40.16 4.99
CA GLU B 28 15.03 41.07 6.13
C GLU B 28 16.10 42.15 5.89
N ALA B 29 17.31 41.73 5.48
CA ALA B 29 18.34 42.71 5.07
C ALA B 29 17.79 43.65 3.96
N TYR B 30 17.00 43.11 3.04
CA TYR B 30 16.48 43.94 1.98
C TYR B 30 15.47 45.01 2.47
N LYS B 31 14.58 44.60 3.36
CA LYS B 31 13.62 45.52 4.00
C LYS B 31 14.28 46.60 4.84
N ASN B 32 15.32 46.25 5.60
CA ASN B 32 16.17 47.25 6.27
C ASN B 32 16.76 48.33 5.35
N GLU B 33 17.21 47.93 4.16
CA GLU B 33 17.75 48.90 3.19
C GLU B 33 16.68 49.69 2.43
N HIS B 34 15.50 49.12 2.26
CA HIS B 34 14.39 49.81 1.63
C HIS B 34 13.10 49.63 2.41
N PRO B 35 12.95 50.36 3.52
CA PRO B 35 11.76 50.22 4.38
C PRO B 35 10.43 50.53 3.65
N GLN B 36 10.52 51.29 2.55
CA GLN B 36 9.34 51.71 1.78
C GLN B 36 8.95 50.73 0.67
N ASP B 37 9.84 49.81 0.33
CA ASP B 37 9.52 48.78 -0.66
C ASP B 37 8.43 47.83 -0.16
N GLU B 38 7.56 47.39 -1.06
CA GLU B 38 6.54 46.42 -0.72
C GLU B 38 6.99 45.03 -1.15
N VAL B 39 7.05 44.12 -0.18
CA VAL B 39 7.38 42.72 -0.40
C VAL B 39 6.12 41.87 -0.20
N VAL B 40 5.68 41.15 -1.22
CA VAL B 40 4.55 40.24 -1.10
C VAL B 40 5.01 38.79 -1.18
N THR B 41 4.58 37.99 -0.21
CA THR B 41 5.01 36.60 -0.14
C THR B 41 4.09 35.74 -0.99
N ILE B 42 4.69 34.96 -1.87
CA ILE B 42 3.88 33.97 -2.54
C ILE B 42 4.38 32.56 -2.30
N ASP B 43 3.71 31.94 -1.34
CA ASP B 43 4.01 30.60 -0.92
C ASP B 43 3.29 29.70 -1.90
N LEU B 44 4.07 29.08 -2.78
CA LEU B 44 3.52 28.21 -3.79
C LEU B 44 2.88 26.95 -3.18
N PHE B 45 3.30 26.53 -2.00
CA PHE B 45 2.59 25.44 -1.33
C PHE B 45 1.26 25.85 -0.71
N ASN B 46 1.01 27.15 -0.69
CA ASN B 46 -0.25 27.69 -0.18
C ASN B 46 -0.92 28.71 -1.09
N THR B 47 -0.78 28.55 -2.41
CA THR B 47 -1.33 29.48 -3.39
C THR B 47 -1.99 28.65 -4.48
N THR B 48 -3.14 29.06 -4.99
CA THR B 48 -3.67 28.26 -6.09
C THR B 48 -2.91 28.60 -7.38
N VAL B 49 -2.28 27.57 -7.93
CA VAL B 49 -1.49 27.66 -9.14
C VAL B 49 -2.02 26.59 -10.10
N PRO B 50 -3.02 26.95 -10.92
CA PRO B 50 -3.59 25.90 -11.74
C PRO B 50 -2.56 25.36 -12.74
N ALA B 51 -2.50 24.03 -12.82
CA ALA B 51 -1.84 23.31 -13.91
C ALA B 51 -2.59 23.57 -15.19
N ILE B 52 -1.88 23.65 -16.30
CA ILE B 52 -2.55 23.65 -17.60
C ILE B 52 -3.15 22.23 -17.83
N ASP B 53 -4.44 22.18 -18.09
CA ASP B 53 -5.11 20.90 -18.25
C ASP B 53 -6.20 21.02 -19.34
N ALA B 54 -7.00 19.98 -19.49
CA ALA B 54 -8.09 19.98 -20.49
C ALA B 54 -9.05 21.15 -20.26
N ASP B 55 -9.36 21.45 -19.00
CA ASP B 55 -10.19 22.62 -18.69
C ASP B 55 -9.56 23.93 -19.23
N VAL B 56 -8.30 24.15 -18.90
CA VAL B 56 -7.58 25.33 -19.37
C VAL B 56 -7.51 25.41 -20.88
N PHE B 57 -7.11 24.32 -21.53
CA PHE B 57 -7.15 24.27 -23.01
C PHE B 57 -8.55 24.58 -23.57
N ALA B 58 -9.59 24.04 -22.97
CA ALA B 58 -10.97 24.38 -23.41
C ALA B 58 -11.28 25.87 -23.22
N ALA B 59 -10.96 26.42 -22.04
CA ALA B 59 -11.16 27.85 -21.77
C ALA B 59 -10.46 28.73 -22.81
N TRP B 60 -9.18 28.41 -23.06
CA TRP B 60 -8.41 29.14 -24.06
C TRP B 60 -9.01 29.02 -25.43
N GLY B 61 -9.55 27.85 -25.76
CA GLY B 61 -10.26 27.66 -27.03
C GLY B 61 -11.45 28.59 -27.18
N LYS B 62 -12.15 28.83 -26.06
CA LYS B 62 -13.27 29.77 -26.05
C LYS B 62 -12.86 31.23 -26.19
N PHE B 63 -11.78 31.61 -25.50
CA PHE B 63 -11.22 32.95 -25.57
C PHE B 63 -10.71 33.22 -26.97
N ALA B 64 -10.15 32.18 -27.61
CA ALA B 64 -9.70 32.29 -29.02
C ALA B 64 -10.86 32.44 -29.99
N ALA B 65 -11.97 31.78 -29.68
CA ALA B 65 -13.20 31.95 -30.43
C ALA B 65 -13.85 33.30 -30.10
N GLY B 66 -13.21 34.06 -29.20
CA GLY B 66 -13.72 35.35 -28.77
C GLY B 66 -14.99 35.27 -27.93
N GLU B 67 -15.17 34.17 -27.21
CA GLU B 67 -16.30 34.08 -26.29
C GLU B 67 -15.86 34.73 -25.00
N GLY B 68 -16.82 34.94 -24.10
CA GLY B 68 -16.55 35.63 -22.86
C GLY B 68 -16.35 34.68 -21.71
N PHE B 69 -15.93 35.24 -20.58
CA PHE B 69 -15.75 34.50 -19.32
C PHE B 69 -16.93 33.59 -18.93
N GLU B 70 -18.15 34.04 -19.17
CA GLU B 70 -19.33 33.25 -18.79
C GLU B 70 -19.63 32.04 -19.68
N ALA B 71 -18.92 31.94 -20.81
CA ALA B 71 -19.03 30.75 -21.66
C ALA B 71 -18.21 29.59 -21.04
N LEU B 72 -17.49 29.87 -19.96
CA LEU B 72 -16.74 28.84 -19.26
C LEU B 72 -17.58 28.15 -18.20
N THR B 73 -17.31 26.87 -17.98
CA THR B 73 -17.86 26.14 -16.83
C THR B 73 -17.32 26.77 -15.57
N GLU B 74 -17.98 26.56 -14.44
CA GLU B 74 -17.50 27.08 -13.16
C GLU B 74 -16.06 26.63 -12.81
N VAL B 75 -15.74 25.37 -13.10
CA VAL B 75 -14.37 24.88 -12.90
C VAL B 75 -13.29 25.62 -13.73
N GLN B 76 -13.61 25.86 -15.00
CA GLN B 76 -12.73 26.61 -15.90
C GLN B 76 -12.53 28.04 -15.39
N GLN B 77 -13.61 28.71 -14.99
CA GLN B 77 -13.48 30.06 -14.46
C GLN B 77 -12.56 30.13 -13.22
N GLN B 78 -12.64 29.15 -12.33
CA GLN B 78 -11.80 29.20 -11.12
C GLN B 78 -10.30 29.07 -11.45
N LYS B 79 -10.01 28.18 -12.40
CA LYS B 79 -8.63 27.91 -12.83
C LYS B 79 -8.11 29.13 -13.58
N VAL B 80 -8.92 29.63 -14.51
CA VAL B 80 -8.51 30.82 -15.24
C VAL B 80 -8.31 32.07 -14.37
N ALA B 81 -9.22 32.27 -13.41
CA ALA B 81 -9.13 33.42 -12.51
C ALA B 81 -7.87 33.31 -11.66
N ALA B 82 -7.50 32.10 -11.24
CA ALA B 82 -6.28 32.00 -10.42
C ALA B 82 -5.03 32.23 -11.31
N MET B 83 -5.07 31.71 -12.54
CA MET B 83 -3.99 31.93 -13.52
C MET B 83 -3.75 33.41 -13.82
N ASN B 84 -4.84 34.14 -14.11
CA ASN B 84 -4.72 35.57 -14.37
C ASN B 84 -4.25 36.37 -13.18
N THR B 85 -4.72 36.02 -11.99
CA THR B 85 -4.21 36.65 -10.76
C THR B 85 -2.68 36.47 -10.63
N ASN B 86 -2.19 35.24 -10.80
CA ASN B 86 -0.74 34.98 -10.79
C ASN B 86 0.02 35.75 -11.87
N LEU B 87 -0.48 35.73 -13.11
CA LEU B 87 0.18 36.43 -14.20
C LEU B 87 0.27 37.92 -13.92
N GLU B 88 -0.84 38.51 -13.47
CA GLU B 88 -0.91 39.95 -13.27
C GLU B 88 -0.03 40.39 -12.08
N THR B 89 -0.09 39.65 -10.97
CA THR B 89 0.83 39.90 -9.86
C THR B 89 2.32 39.87 -10.34
N PHE B 90 2.67 38.97 -11.25
CA PHE B 90 4.08 38.80 -11.67
C PHE B 90 4.46 39.94 -12.60
N MET B 91 3.62 40.19 -13.59
CA MET B 91 3.86 41.26 -14.55
C MET B 91 4.05 42.61 -13.89
N ASN B 92 3.37 42.83 -12.77
CA ASN B 92 3.37 44.14 -12.16
C ASN B 92 4.47 44.39 -11.14
N ALA B 93 5.05 43.31 -10.61
CA ALA B 93 6.14 43.43 -9.67
C ALA B 93 7.41 43.86 -10.41
N ASP B 94 8.36 44.39 -9.65
CA ASP B 94 9.66 44.82 -10.19
C ASP B 94 10.78 43.83 -9.87
N ARG B 95 10.63 43.07 -8.79
CA ARG B 95 11.67 42.13 -8.38
C ARG B 95 11.10 40.78 -8.02
N TYR B 96 11.88 39.75 -8.32
CA TYR B 96 11.49 38.38 -8.03
C TYR B 96 12.61 37.70 -7.22
N VAL B 97 12.23 37.08 -6.11
CA VAL B 97 13.17 36.27 -5.38
C VAL B 97 12.53 34.88 -5.28
N PHE B 98 13.16 33.87 -5.87
CA PHE B 98 12.66 32.51 -5.84
C PHE B 98 13.51 31.74 -4.89
N VAL B 99 12.91 30.92 -4.04
CA VAL B 99 13.67 29.96 -3.25
C VAL B 99 13.12 28.55 -3.42
N THR B 100 14.04 27.63 -3.74
CA THR B 100 13.71 26.25 -4.06
C THR B 100 14.74 25.33 -3.46
N PRO B 101 14.31 24.09 -3.09
CA PRO B 101 15.20 22.97 -2.82
C PRO B 101 15.51 22.24 -4.11
N MET B 102 16.62 21.53 -4.20
CA MET B 102 16.78 20.59 -5.31
C MET B 102 16.15 19.23 -4.88
N TRP B 103 15.10 18.81 -5.60
CA TRP B 103 14.58 17.43 -5.45
C TRP B 103 14.75 16.67 -6.75
N ASN B 104 15.54 15.62 -6.71
CA ASN B 104 15.76 14.78 -7.90
C ASN B 104 16.22 15.59 -9.10
N PHE B 105 17.18 16.50 -8.84
CA PHE B 105 17.90 17.29 -9.85
C PHE B 105 17.07 18.40 -10.46
N SER B 106 15.94 18.73 -9.84
CA SER B 106 15.17 19.85 -10.33
C SER B 106 14.45 20.52 -9.14
N TYR B 107 13.43 21.33 -9.42
CA TYR B 107 12.65 22.02 -8.39
C TYR B 107 11.32 21.30 -8.05
N PRO B 108 10.58 21.76 -7.00
CA PRO B 108 9.27 21.18 -6.81
C PRO B 108 8.39 21.41 -8.03
N PRO B 109 7.49 20.46 -8.32
CA PRO B 109 6.60 20.60 -9.49
C PRO B 109 5.83 21.93 -9.55
N VAL B 110 5.42 22.47 -8.43
CA VAL B 110 4.61 23.72 -8.42
C VAL B 110 5.35 24.92 -9.04
N VAL B 111 6.69 24.85 -9.12
CA VAL B 111 7.47 25.90 -9.76
C VAL B 111 7.23 25.86 -11.26
N LYS B 112 7.14 24.65 -11.82
CA LYS B 112 6.82 24.53 -13.21
C LYS B 112 5.40 25.02 -13.43
N ALA B 113 4.45 24.64 -12.56
CA ALA B 113 3.07 25.12 -12.71
C ALA B 113 3.02 26.66 -12.67
N TYR B 114 3.74 27.25 -11.72
CA TYR B 114 3.89 28.71 -11.69
C TYR B 114 4.46 29.34 -12.98
N LEU B 115 5.57 28.81 -13.47
CA LEU B 115 6.17 29.32 -14.69
C LEU B 115 5.20 29.23 -15.87
N ASP B 116 4.44 28.15 -15.89
CA ASP B 116 3.42 27.97 -16.93
C ASP B 116 2.24 29.02 -16.84
N ASN B 117 1.97 29.57 -15.65
CA ASN B 117 0.99 30.67 -15.46
C ASN B 117 1.54 32.06 -15.90
N VAL B 118 2.85 32.20 -15.92
CA VAL B 118 3.51 33.52 -15.98
C VAL B 118 4.09 33.76 -17.39
N ALA B 119 4.37 32.68 -18.11
CA ALA B 119 4.85 32.75 -19.50
C ALA B 119 3.66 32.62 -20.45
N ILE B 120 3.12 33.77 -20.86
CA ILE B 120 1.89 33.83 -21.65
C ILE B 120 2.10 34.75 -22.87
N ALA B 121 1.85 34.24 -24.06
CA ALA B 121 1.98 35.03 -25.32
C ALA B 121 1.08 36.25 -25.33
N GLY B 122 1.62 37.39 -25.78
CA GLY B 122 0.87 38.63 -25.73
C GLY B 122 1.02 39.37 -24.42
N LYS B 123 1.45 38.64 -23.38
CA LYS B 123 1.50 39.25 -22.04
C LYS B 123 2.93 39.36 -21.58
N THR B 124 3.66 38.24 -21.58
CA THR B 124 5.04 38.29 -21.13
C THR B 124 6.09 37.99 -22.21
N PHE B 125 5.65 37.56 -23.41
CA PHE B 125 6.53 37.38 -24.56
C PHE B 125 5.70 37.51 -25.84
N LYS B 126 6.34 37.83 -26.96
CA LYS B 126 5.65 37.87 -28.24
C LYS B 126 6.43 37.07 -29.27
N TYR B 127 5.74 36.60 -30.30
CA TYR B 127 6.39 36.05 -31.47
C TYR B 127 6.90 37.19 -32.36
N THR B 128 8.09 37.05 -32.91
CA THR B 128 8.57 37.94 -33.96
C THR B 128 9.04 37.06 -35.13
N GLU B 129 9.40 37.71 -36.23
CA GLU B 129 10.04 37.10 -37.40
C GLU B 129 10.99 35.94 -37.03
N ASN B 130 12.02 36.27 -36.27
CA ASN B 130 13.18 35.40 -36.06
C ASN B 130 13.17 34.66 -34.73
N GLY B 131 12.07 34.77 -33.99
CA GLY B 131 11.97 34.07 -32.72
C GLY B 131 11.16 34.81 -31.69
N PRO B 132 10.68 34.09 -30.66
CA PRO B 132 9.99 34.66 -29.51
C PRO B 132 10.87 35.66 -28.76
N VAL B 133 10.24 36.68 -28.17
CA VAL B 133 10.98 37.74 -27.49
C VAL B 133 10.25 38.10 -26.22
N GLY B 134 10.99 38.29 -25.14
CA GLY B 134 10.39 38.71 -23.88
C GLY B 134 9.81 40.11 -23.97
N LEU B 135 8.76 40.35 -23.19
CA LEU B 135 8.07 41.63 -23.12
C LEU B 135 8.31 42.35 -21.79
N LEU B 136 8.90 41.67 -20.83
CA LEU B 136 9.08 42.29 -19.52
C LEU B 136 10.39 43.11 -19.50
N GLU B 137 10.30 44.35 -19.04
CA GLU B 137 11.47 45.25 -18.98
C GLU B 137 11.59 45.75 -17.54
N GLY B 138 12.78 46.10 -17.09
CA GLY B 138 12.92 46.78 -15.80
C GLY B 138 12.94 45.84 -14.61
N LYS B 139 13.07 44.54 -14.89
CA LYS B 139 12.99 43.52 -13.85
C LYS B 139 14.35 42.97 -13.45
N LYS B 140 14.42 42.45 -12.23
CA LYS B 140 15.57 41.73 -11.76
C LYS B 140 15.05 40.53 -10.99
N ALA B 141 15.80 39.42 -11.04
CA ALA B 141 15.48 38.23 -10.30
C ALA B 141 16.66 37.68 -9.50
N LEU B 142 16.34 37.02 -8.40
CA LEU B 142 17.31 36.26 -7.64
C LEU B 142 16.77 34.84 -7.49
N HIS B 143 17.64 33.83 -7.64
CA HIS B 143 17.29 32.47 -7.30
C HIS B 143 18.20 31.99 -6.21
N ILE B 144 17.60 31.62 -5.10
CA ILE B 144 18.32 30.99 -4.02
C ILE B 144 17.96 29.50 -4.07
N GLN B 145 18.96 28.64 -4.26
CA GLN B 145 18.63 27.21 -4.35
C GLN B 145 19.37 26.40 -3.31
N ALA B 146 18.66 25.55 -2.57
CA ALA B 146 19.39 24.68 -1.61
C ALA B 146 19.53 23.28 -2.21
N THR B 147 20.73 22.71 -2.15
CA THR B 147 21.01 21.41 -2.72
C THR B 147 21.84 20.56 -1.76
N GLY B 148 21.60 19.24 -1.73
CA GLY B 148 22.37 18.38 -0.83
C GLY B 148 23.81 18.28 -1.28
N GLY B 149 24.00 18.17 -2.59
CA GLY B 149 25.34 18.07 -3.21
C GLY B 149 25.82 19.40 -3.73
N VAL B 150 26.83 19.38 -4.61
CA VAL B 150 27.47 20.61 -5.11
C VAL B 150 27.37 20.63 -6.62
N TYR B 151 26.64 21.60 -7.14
CA TYR B 151 26.30 21.68 -8.57
C TYR B 151 26.61 23.05 -9.16
N SER B 152 27.03 23.99 -8.32
CA SER B 152 27.10 25.38 -8.78
C SER B 152 28.17 25.62 -9.86
N GLU B 153 29.18 24.76 -9.96
CA GLU B 153 30.20 24.92 -11.01
C GLU B 153 30.81 23.56 -11.35
N GLY B 154 31.56 23.48 -12.44
CA GLY B 154 32.13 22.21 -12.88
C GLY B 154 31.12 21.29 -13.53
N ALA B 155 31.51 20.03 -13.72
CA ALA B 155 30.78 19.03 -14.47
C ALA B 155 29.30 18.85 -14.08
N TYR B 156 29.03 18.83 -12.77
CA TYR B 156 27.71 18.55 -12.26
C TYR B 156 26.72 19.69 -12.48
N ALA B 157 27.22 20.82 -12.98
CA ALA B 157 26.35 21.93 -13.33
C ALA B 157 25.40 21.57 -14.46
N ALA B 158 25.78 20.60 -15.28
CA ALA B 158 24.97 20.16 -16.41
C ALA B 158 23.64 19.49 -15.97
N VAL B 159 23.58 18.98 -14.75
CA VAL B 159 22.35 18.34 -14.23
C VAL B 159 21.68 19.19 -13.14
N ASP B 160 22.01 20.48 -13.07
CA ASP B 160 21.34 21.42 -12.17
C ASP B 160 20.13 22.02 -12.90
N PHE B 161 19.16 21.15 -13.16
CA PHE B 161 18.08 21.43 -14.13
C PHE B 161 17.11 22.42 -13.60
N GLY B 162 16.92 22.43 -12.28
CA GLY B 162 16.00 23.44 -11.69
C GLY B 162 16.52 24.85 -11.89
N ARG B 163 17.75 25.07 -11.42
CA ARG B 163 18.46 26.30 -11.72
C ARG B 163 18.46 26.68 -13.21
N ASN B 164 18.90 25.78 -14.08
CA ASN B 164 19.09 26.10 -15.47
C ASN B 164 17.77 26.42 -16.20
N HIS B 165 16.75 25.63 -15.91
CA HIS B 165 15.42 25.87 -16.50
C HIS B 165 14.81 27.17 -16.07
N LEU B 166 14.88 27.45 -14.76
CA LEU B 166 14.32 28.69 -14.23
C LEU B 166 14.97 29.89 -14.91
N LYS B 167 16.29 29.93 -14.97
CA LYS B 167 17.02 30.98 -15.66
C LYS B 167 16.57 31.13 -17.13
N THR B 168 16.38 30.01 -17.81
CA THR B 168 15.93 30.02 -19.20
C THR B 168 14.58 30.67 -19.38
N VAL B 169 13.63 30.31 -18.51
CA VAL B 169 12.26 30.83 -18.64
C VAL B 169 12.20 32.31 -18.32
N LEU B 170 12.83 32.69 -17.22
CA LEU B 170 13.00 34.13 -16.92
C LEU B 170 13.58 34.96 -18.09
N GLY B 171 14.65 34.45 -18.73
CA GLY B 171 15.31 35.11 -19.82
C GLY B 171 14.38 35.20 -21.03
N PHE B 172 13.57 34.16 -21.23
CA PHE B 172 12.61 34.12 -22.35
C PHE B 172 11.54 35.23 -22.24
N VAL B 173 11.22 35.62 -21.01
CA VAL B 173 10.11 36.50 -20.70
C VAL B 173 10.63 37.94 -20.55
N GLY B 174 11.95 38.08 -20.72
CA GLY B 174 12.64 39.38 -20.71
C GLY B 174 13.48 39.63 -19.45
N VAL B 175 13.37 38.79 -18.43
CA VAL B 175 14.11 39.02 -17.19
C VAL B 175 15.53 38.46 -17.39
N ASN B 176 16.42 39.25 -18.01
CA ASN B 176 17.81 38.83 -18.17
C ASN B 176 18.77 39.23 -17.07
N ASP B 177 18.32 40.07 -16.15
CA ASP B 177 19.17 40.54 -15.05
C ASP B 177 18.87 39.63 -13.87
N THR B 178 19.74 38.64 -13.66
CA THR B 178 19.50 37.64 -12.63
C THR B 178 20.72 37.42 -11.73
N GLU B 179 20.46 36.99 -10.50
CA GLU B 179 21.49 36.65 -9.52
C GLU B 179 21.19 35.22 -9.03
N TYR B 180 22.19 34.50 -8.59
CA TYR B 180 22.00 33.12 -8.17
C TYR B 180 22.75 32.92 -6.87
N ILE B 181 22.12 32.29 -5.88
CA ILE B 181 22.80 31.95 -4.68
C ILE B 181 22.57 30.49 -4.36
N ALA B 182 23.63 29.68 -4.39
CA ALA B 182 23.56 28.26 -4.04
C ALA B 182 23.81 28.09 -2.55
N VAL B 183 23.01 27.24 -1.90
CA VAL B 183 23.25 26.84 -0.50
C VAL B 183 23.47 25.34 -0.62
N GLU B 184 24.73 24.95 -0.74
CA GLU B 184 25.04 23.62 -1.29
C GLU B 184 26.06 22.85 -0.49
N GLY B 185 25.93 21.53 -0.56
CA GLY B 185 26.94 20.63 -0.03
C GLY B 185 26.60 20.15 1.37
N MET B 186 25.47 20.58 1.94
CA MET B 186 25.09 20.20 3.32
C MET B 186 25.04 18.70 3.48
N ASN B 187 24.42 18.01 2.55
CA ASN B 187 24.29 16.56 2.67
C ASN B 187 25.57 15.81 2.42
N ALA B 188 26.41 16.35 1.53
CA ALA B 188 27.69 15.73 1.21
C ALA B 188 28.67 15.92 2.37
N ASN B 189 28.40 16.92 3.19
CA ASN B 189 29.34 17.36 4.20
C ASN B 189 28.58 17.83 5.42
N PRO B 190 27.87 16.91 6.10
CA PRO B 190 26.97 17.34 7.19
C PRO B 190 27.66 18.04 8.37
N GLU B 191 28.97 17.78 8.59
CA GLU B 191 29.71 18.50 9.67
C GLU B 191 29.91 19.98 9.32
N LYS B 192 29.88 20.27 8.02
CA LYS B 192 29.95 21.65 7.52
C LYS B 192 28.59 22.38 7.29
N ALA B 193 27.45 21.73 7.56
CA ALA B 193 26.16 22.34 7.24
C ALA B 193 25.91 23.75 7.85
N GLN B 194 26.36 23.93 9.10
CA GLN B 194 26.15 25.22 9.78
C GLN B 194 27.03 26.33 9.19
N GLU B 195 28.27 25.98 8.86
CA GLU B 195 29.14 26.94 8.18
C GLU B 195 28.66 27.29 6.76
N ILE B 196 28.20 26.27 6.03
CA ILE B 196 27.68 26.47 4.68
C ILE B 196 26.53 27.48 4.73
N LYS B 197 25.61 27.23 5.66
CA LYS B 197 24.41 28.05 5.85
C LYS B 197 24.74 29.51 6.22
N GLU B 198 25.66 29.70 7.16
CA GLU B 198 26.11 31.03 7.57
C GLU B 198 26.85 31.78 6.47
N ALA B 199 27.73 31.07 5.74
CA ALA B 199 28.41 31.68 4.61
C ALA B 199 27.36 32.16 3.58
N ALA B 200 26.33 31.35 3.33
CA ALA B 200 25.32 31.70 2.33
C ALA B 200 24.42 32.82 2.82
N ILE B 201 24.14 32.83 4.13
CA ILE B 201 23.41 33.93 4.73
C ILE B 201 24.15 35.27 4.55
N ALA B 202 25.45 35.30 4.81
CA ALA B 202 26.29 36.51 4.63
C ALA B 202 26.33 36.94 3.16
N ASN B 203 26.37 35.93 2.28
CA ASN B 203 26.27 36.15 0.84
C ASN B 203 24.94 36.84 0.51
N ALA B 204 23.84 36.37 1.12
CA ALA B 204 22.55 37.01 0.88
C ALA B 204 22.44 38.41 1.45
N ARG B 205 22.96 38.64 2.66
CA ARG B 205 22.90 39.97 3.27
C ARG B 205 23.67 41.02 2.47
N GLU B 206 24.81 40.63 1.94
CA GLU B 206 25.59 41.54 1.07
C GLU B 206 24.82 41.86 -0.21
N LEU B 207 24.27 40.82 -0.87
CA LEU B 207 23.52 41.03 -2.10
C LEU B 207 22.29 41.91 -1.85
N ALA B 208 21.68 41.75 -0.68
CA ALA B 208 20.45 42.49 -0.36
C ALA B 208 20.67 44.01 -0.43
N LYS B 209 21.91 44.41 -0.19
CA LYS B 209 22.26 45.83 -0.20
C LYS B 209 22.45 46.40 -1.60
N ARG B 210 22.65 45.55 -2.60
CA ARG B 210 22.85 46.02 -3.95
C ARG B 210 21.78 45.54 -4.91
N PHE B 211 20.89 44.71 -4.40
CA PHE B 211 19.79 44.21 -5.18
C PHE B 211 18.71 45.26 -4.98
N THR C 2 17.22 -14.58 -2.26
CA THR C 2 16.06 -15.30 -1.70
C THR C 2 15.59 -14.59 -0.43
N LYS C 3 14.31 -14.24 -0.42
CA LYS C 3 13.70 -13.60 0.71
C LYS C 3 12.87 -14.64 1.46
N VAL C 4 13.12 -14.71 2.76
CA VAL C 4 12.46 -15.64 3.65
C VAL C 4 11.67 -14.88 4.70
N LEU C 5 10.40 -15.27 4.86
CA LEU C 5 9.56 -14.84 6.00
C LEU C 5 9.54 -15.88 7.12
N PHE C 6 10.00 -15.47 8.29
CA PHE C 6 9.98 -16.28 9.49
C PHE C 6 8.75 -15.80 10.30
N ILE C 7 7.62 -16.53 10.18
CA ILE C 7 6.31 -16.09 10.70
C ILE C 7 5.99 -16.91 11.95
N THR C 8 5.91 -16.26 13.09
CA THR C 8 5.75 -16.99 14.32
C THR C 8 4.47 -16.55 15.03
N ALA C 9 3.81 -17.52 15.63
CA ALA C 9 2.55 -17.34 16.34
C ALA C 9 2.62 -18.02 17.71
N ASN C 10 3.52 -17.52 18.55
CA ASN C 10 3.62 -18.03 19.91
C ASN C 10 3.85 -16.83 20.82
N PRO C 11 3.06 -16.70 21.90
CA PRO C 11 3.34 -15.56 22.78
C PRO C 11 4.63 -15.71 23.58
N ASN C 12 5.23 -16.90 23.56
CA ASN C 12 6.53 -17.16 24.17
C ASN C 12 7.65 -17.18 23.12
N SER C 13 8.87 -16.86 23.56
CA SER C 13 10.09 -16.89 22.79
C SER C 13 10.76 -18.28 22.82
N ALA C 14 11.89 -18.39 22.12
CA ALA C 14 12.69 -19.62 22.06
C ALA C 14 13.08 -20.17 23.42
N GLU C 15 13.18 -19.31 24.43
CA GLU C 15 13.50 -19.78 25.79
C GLU C 15 12.35 -20.47 26.52
N GLY C 16 11.11 -20.24 26.09
CA GLY C 16 9.99 -20.93 26.74
C GLY C 16 9.04 -21.72 25.86
N SER C 17 9.44 -22.05 24.65
CA SER C 17 8.50 -22.60 23.70
C SER C 17 9.23 -23.70 22.94
N PHE C 18 8.63 -24.88 22.86
CA PHE C 18 9.24 -25.97 22.09
C PHE C 18 9.27 -25.63 20.59
N GLY C 19 8.14 -25.18 20.03
CA GLY C 19 8.15 -24.73 18.60
C GLY C 19 9.18 -23.65 18.31
N MET C 20 9.30 -22.68 19.20
CA MET C 20 10.18 -21.51 18.91
C MET C 20 11.65 -21.91 19.01
N ALA C 21 12.01 -22.79 19.96
CA ALA C 21 13.35 -23.37 20.03
C ALA C 21 13.73 -24.04 18.70
N VAL C 22 12.82 -24.86 18.16
CA VAL C 22 13.10 -25.60 16.94
C VAL C 22 13.16 -24.64 15.72
N GLY C 23 12.26 -23.66 15.66
CA GLY C 23 12.22 -22.65 14.54
C GLY C 23 13.43 -21.76 14.55
N GLU C 24 13.89 -21.38 15.75
CA GLU C 24 15.16 -20.70 15.92
C GLU C 24 16.38 -21.46 15.38
N ALA C 25 16.55 -22.73 15.77
CA ALA C 25 17.55 -23.58 15.16
C ALA C 25 17.38 -23.75 13.65
N PHE C 26 16.16 -23.94 13.14
CA PHE C 26 16.03 -24.03 11.68
C PHE C 26 16.57 -22.79 10.98
N ILE C 27 16.04 -21.62 11.37
CA ILE C 27 16.30 -20.36 10.66
C ILE C 27 17.76 -19.92 10.84
N GLU C 28 18.36 -20.16 12.00
CA GLU C 28 19.80 -19.84 12.18
C GLU C 28 20.74 -20.80 11.41
N ALA C 29 20.41 -22.08 11.32
CA ALA C 29 21.14 -22.97 10.38
C ALA C 29 20.91 -22.57 8.94
N TYR C 30 19.70 -22.14 8.61
CA TYR C 30 19.45 -21.69 7.25
C TYR C 30 20.28 -20.45 6.82
N LYS C 31 20.36 -19.43 7.69
CA LYS C 31 21.12 -18.23 7.39
C LYS C 31 22.62 -18.59 7.27
N ASN C 32 23.08 -19.51 8.10
CA ASN C 32 24.46 -20.03 8.01
C ASN C 32 24.73 -20.72 6.65
N GLU C 33 23.79 -21.57 6.17
CA GLU C 33 23.87 -22.18 4.85
C GLU C 33 23.79 -21.16 3.73
N HIS C 34 22.98 -20.12 3.90
CA HIS C 34 22.69 -19.11 2.85
C HIS C 34 22.94 -17.67 3.31
N PRO C 35 24.26 -17.31 3.49
CA PRO C 35 24.58 -16.00 4.07
C PRO C 35 24.10 -14.83 3.26
N GLN C 36 23.77 -15.02 2.00
CA GLN C 36 23.28 -13.92 1.18
C GLN C 36 21.75 -13.72 1.25
N ASP C 37 21.04 -14.66 1.87
CA ASP C 37 19.58 -14.59 1.90
C ASP C 37 19.07 -13.62 2.96
N GLU C 38 17.93 -12.97 2.71
CA GLU C 38 17.41 -12.02 3.70
C GLU C 38 16.31 -12.73 4.45
N VAL C 39 16.19 -12.52 5.75
CA VAL C 39 15.11 -13.14 6.50
C VAL C 39 14.46 -12.04 7.31
N VAL C 40 13.13 -11.94 7.20
CA VAL C 40 12.33 -10.98 7.96
C VAL C 40 11.44 -11.79 8.88
N THR C 41 11.52 -11.50 10.19
CA THR C 41 10.66 -12.12 11.20
C THR C 41 9.36 -11.30 11.32
N ILE C 42 8.25 -12.00 11.19
CA ILE C 42 6.93 -11.50 11.48
C ILE C 42 6.39 -12.25 12.72
N ASP C 43 6.42 -11.58 13.86
CA ASP C 43 5.86 -12.09 15.11
C ASP C 43 4.39 -11.67 15.11
N LEU C 44 3.47 -12.64 14.97
CA LEU C 44 2.07 -12.31 14.77
C LEU C 44 1.39 -11.77 16.04
N PHE C 45 1.90 -12.11 17.20
CA PHE C 45 1.44 -11.46 18.43
C PHE C 45 1.91 -10.02 18.60
N ASN C 46 2.83 -9.57 17.76
CA ASN C 46 3.22 -8.16 17.74
C ASN C 46 3.14 -7.50 16.39
N THR C 47 2.18 -7.90 15.57
CA THR C 47 2.04 -7.33 14.23
C THR C 47 0.59 -6.92 14.02
N THR C 48 0.33 -5.84 13.31
CA THR C 48 -1.05 -5.48 13.14
C THR C 48 -1.63 -6.40 12.05
N VAL C 49 -2.59 -7.19 12.44
CA VAL C 49 -3.17 -8.15 11.54
C VAL C 49 -4.71 -7.96 11.56
N PRO C 50 -5.23 -7.03 10.74
CA PRO C 50 -6.68 -6.75 10.85
C PRO C 50 -7.56 -7.95 10.56
N ALA C 51 -8.51 -8.22 11.46
CA ALA C 51 -9.54 -9.24 11.17
C ALA C 51 -10.55 -8.69 10.15
N ILE C 52 -11.08 -9.53 9.27
CA ILE C 52 -12.17 -9.12 8.40
C ILE C 52 -13.37 -8.84 9.29
N ASP C 53 -13.92 -7.62 9.19
CA ASP C 53 -15.03 -7.23 10.06
C ASP C 53 -15.91 -6.30 9.25
N ALA C 54 -16.81 -5.56 9.89
CA ALA C 54 -17.75 -4.75 9.13
C ALA C 54 -17.02 -3.65 8.33
N ASP C 55 -15.98 -3.07 8.91
CA ASP C 55 -15.22 -2.00 8.21
C ASP C 55 -14.59 -2.53 6.95
N VAL C 56 -13.94 -3.70 7.05
CA VAL C 56 -13.32 -4.32 5.90
C VAL C 56 -14.38 -4.58 4.82
N PHE C 57 -15.51 -5.21 5.18
CA PHE C 57 -16.57 -5.38 4.17
C PHE C 57 -17.05 -4.03 3.62
N ALA C 58 -17.17 -3.04 4.49
CA ALA C 58 -17.55 -1.72 3.96
C ALA C 58 -16.53 -1.19 2.92
N ALA C 59 -15.24 -1.32 3.24
CA ALA C 59 -14.18 -0.84 2.35
C ALA C 59 -14.19 -1.61 1.01
N TRP C 60 -14.27 -2.93 1.10
CA TRP C 60 -14.32 -3.77 -0.11
C TRP C 60 -15.46 -3.42 -1.01
N GLY C 61 -16.56 -3.01 -0.40
CA GLY C 61 -17.80 -2.62 -1.10
C GLY C 61 -17.58 -1.35 -1.88
N LYS C 62 -16.89 -0.39 -1.27
CA LYS C 62 -16.52 0.84 -1.97
C LYS C 62 -15.52 0.58 -3.12
N PHE C 63 -14.52 -0.27 -2.90
CA PHE C 63 -13.61 -0.65 -3.99
C PHE C 63 -14.37 -1.33 -5.10
N ALA C 64 -15.37 -2.13 -4.72
CA ALA C 64 -16.18 -2.88 -5.68
C ALA C 64 -17.05 -1.93 -6.50
N ALA C 65 -17.47 -0.83 -5.89
CA ALA C 65 -18.22 0.20 -6.62
C ALA C 65 -17.25 1.11 -7.41
N GLY C 66 -15.99 0.69 -7.50
CA GLY C 66 -14.96 1.44 -8.19
C GLY C 66 -14.62 2.77 -7.53
N GLU C 67 -14.73 2.82 -6.21
CA GLU C 67 -14.39 4.04 -5.48
C GLU C 67 -12.94 4.00 -5.00
N GLY C 68 -12.44 5.13 -4.56
CA GLY C 68 -11.03 5.20 -4.21
C GLY C 68 -10.79 5.00 -2.73
N PHE C 69 -9.52 4.82 -2.41
CA PHE C 69 -9.03 4.72 -1.04
C PHE C 69 -9.51 5.89 -0.18
N GLU C 70 -9.56 7.08 -0.78
CA GLU C 70 -10.08 8.28 -0.10
C GLU C 70 -11.56 8.19 0.29
N ALA C 71 -12.28 7.29 -0.37
CA ALA C 71 -13.70 7.10 -0.08
C ALA C 71 -13.91 6.43 1.28
N LEU C 72 -12.88 5.75 1.78
CA LEU C 72 -12.94 5.07 3.08
C LEU C 72 -12.92 6.08 4.24
N THR C 73 -13.35 5.63 5.41
CA THR C 73 -13.18 6.39 6.63
C THR C 73 -11.73 6.22 7.10
N GLU C 74 -11.26 7.08 8.00
CA GLU C 74 -9.93 6.92 8.56
C GLU C 74 -9.66 5.48 9.06
N VAL C 75 -10.59 4.94 9.85
CA VAL C 75 -10.38 3.63 10.44
C VAL C 75 -10.30 2.54 9.36
N GLN C 76 -11.16 2.66 8.35
CA GLN C 76 -11.17 1.75 7.20
C GLN C 76 -9.85 1.80 6.45
N GLN C 77 -9.31 3.01 6.28
CA GLN C 77 -8.03 3.23 5.61
C GLN C 77 -6.91 2.50 6.35
N GLN C 78 -6.90 2.64 7.69
CA GLN C 78 -5.89 2.04 8.50
C GLN C 78 -5.92 0.56 8.29
N LYS C 79 -7.13 0.00 8.32
CA LYS C 79 -7.32 -1.44 8.31
C LYS C 79 -6.92 -2.03 6.99
N VAL C 80 -7.36 -1.41 5.89
CA VAL C 80 -6.93 -1.92 4.61
C VAL C 80 -5.41 -1.71 4.41
N ALA C 81 -4.83 -0.64 4.92
CA ALA C 81 -3.42 -0.38 4.60
C ALA C 81 -2.53 -1.43 5.29
N ALA C 82 -2.92 -1.84 6.50
CA ALA C 82 -2.24 -2.91 7.25
C ALA C 82 -2.46 -4.30 6.61
N MET C 83 -3.64 -4.51 6.04
CA MET C 83 -3.91 -5.72 5.26
C MET C 83 -3.13 -5.80 3.96
N ASN C 84 -3.07 -4.68 3.26
CA ASN C 84 -2.22 -4.55 2.07
C ASN C 84 -0.72 -4.78 2.35
N THR C 85 -0.21 -4.28 3.47
CA THR C 85 1.21 -4.49 3.73
C THR C 85 1.46 -5.98 4.02
N ASN C 86 0.63 -6.61 4.81
CA ASN C 86 0.82 -8.04 5.06
C ASN C 86 0.76 -8.86 3.78
N LEU C 87 -0.22 -8.58 2.94
CA LEU C 87 -0.33 -9.23 1.63
C LEU C 87 0.93 -9.06 0.79
N GLU C 88 1.40 -7.82 0.68
CA GLU C 88 2.51 -7.48 -0.23
C GLU C 88 3.82 -8.10 0.29
N THR C 89 4.02 -8.08 1.59
CA THR C 89 5.20 -8.70 2.17
C THR C 89 5.25 -10.18 1.83
N PHE C 90 4.10 -10.86 2.02
CA PHE C 90 3.92 -12.28 1.72
C PHE C 90 4.11 -12.59 0.23
N MET C 91 3.47 -11.83 -0.65
CA MET C 91 3.65 -12.03 -2.09
C MET C 91 5.11 -11.87 -2.59
N ASN C 92 5.83 -10.92 -2.02
CA ASN C 92 7.22 -10.69 -2.44
C ASN C 92 8.26 -11.67 -1.84
N ALA C 93 7.90 -12.44 -0.83
CA ALA C 93 8.87 -13.43 -0.33
C ALA C 93 8.92 -14.74 -1.16
N ASP C 94 10.05 -15.43 -1.13
CA ASP C 94 10.25 -16.71 -1.84
C ASP C 94 10.00 -17.96 -0.95
N ARG C 95 10.08 -17.77 0.37
CA ARG C 95 10.08 -18.85 1.34
C ARG C 95 9.35 -18.40 2.60
N TYR C 96 8.58 -19.31 3.17
CA TYR C 96 7.74 -19.04 4.34
C TYR C 96 8.04 -20.08 5.38
N VAL C 97 8.30 -19.65 6.62
CA VAL C 97 8.44 -20.60 7.72
C VAL C 97 7.37 -20.21 8.74
N PHE C 98 6.47 -21.13 9.08
CA PHE C 98 5.43 -20.86 10.10
C PHE C 98 5.77 -21.62 11.35
N VAL C 99 5.71 -20.96 12.50
CA VAL C 99 5.95 -21.67 13.77
C VAL C 99 4.69 -21.49 14.60
N THR C 100 4.01 -22.60 14.90
CA THR C 100 2.81 -22.54 15.74
C THR C 100 2.78 -23.58 16.86
N PRO C 101 2.04 -23.29 17.95
CA PRO C 101 1.74 -24.39 18.89
C PRO C 101 0.34 -24.98 18.57
N MET C 102 0.06 -26.21 18.99
CA MET C 102 -1.33 -26.70 18.87
C MET C 102 -2.13 -26.28 20.11
N TRP C 103 -3.19 -25.49 19.91
CA TRP C 103 -4.10 -25.21 21.04
C TRP C 103 -5.49 -25.65 20.61
N ASN C 104 -6.11 -26.56 21.36
CA ASN C 104 -7.44 -27.08 21.01
C ASN C 104 -7.58 -27.52 19.54
N PHE C 105 -6.61 -28.36 19.19
CA PHE C 105 -6.54 -29.10 17.92
C PHE C 105 -6.29 -28.21 16.69
N SER C 106 -5.95 -26.93 16.92
CA SER C 106 -5.55 -26.05 15.83
C SER C 106 -4.50 -25.01 16.26
N TYR C 107 -4.37 -23.94 15.49
CA TYR C 107 -3.36 -22.94 15.72
C TYR C 107 -3.99 -21.74 16.48
N PRO C 108 -3.14 -20.78 16.91
CA PRO C 108 -3.72 -19.58 17.54
C PRO C 108 -4.57 -18.84 16.54
N PRO C 109 -5.64 -18.16 16.99
CA PRO C 109 -6.53 -17.37 16.09
C PRO C 109 -5.82 -16.41 15.14
N VAL C 110 -4.72 -15.75 15.59
CA VAL C 110 -4.05 -14.78 14.69
C VAL C 110 -3.59 -15.45 13.42
N VAL C 111 -3.34 -16.75 13.47
CA VAL C 111 -2.92 -17.44 12.24
C VAL C 111 -4.02 -17.37 11.16
N LYS C 112 -5.26 -17.64 11.57
CA LYS C 112 -6.41 -17.60 10.64
C LYS C 112 -6.55 -16.14 10.16
N ALA C 113 -6.39 -15.18 11.09
CA ALA C 113 -6.39 -13.74 10.71
C ALA C 113 -5.33 -13.41 9.65
N TYR C 114 -4.12 -13.97 9.81
CA TYR C 114 -3.07 -13.70 8.85
C TYR C 114 -3.38 -14.33 7.47
N LEU C 115 -3.74 -15.59 7.47
CA LEU C 115 -4.18 -16.25 6.24
C LEU C 115 -5.34 -15.49 5.55
N ASP C 116 -6.28 -14.92 6.32
CA ASP C 116 -7.35 -14.12 5.70
C ASP C 116 -6.79 -12.84 5.04
N ASN C 117 -5.64 -12.36 5.52
CA ASN C 117 -4.95 -11.19 4.90
C ASN C 117 -4.24 -11.59 3.58
N VAL C 118 -3.73 -12.81 3.48
CA VAL C 118 -2.85 -13.13 2.36
C VAL C 118 -3.48 -13.92 1.23
N ALA C 119 -4.70 -14.44 1.46
CA ALA C 119 -5.48 -15.12 0.43
C ALA C 119 -6.55 -14.19 -0.13
N ILE C 120 -6.16 -13.49 -1.19
CA ILE C 120 -6.92 -12.35 -1.74
C ILE C 120 -7.15 -12.53 -3.25
N ALA C 121 -8.41 -12.46 -3.68
CA ALA C 121 -8.78 -12.68 -5.07
C ALA C 121 -8.11 -11.68 -6.02
N GLY C 122 -7.51 -12.17 -7.09
CA GLY C 122 -6.81 -11.33 -8.04
C GLY C 122 -5.39 -11.01 -7.62
N LYS C 123 -4.98 -11.49 -6.44
CA LYS C 123 -3.62 -11.26 -5.99
C LYS C 123 -2.93 -12.59 -5.79
N THR C 124 -3.45 -13.45 -4.90
CA THR C 124 -2.79 -14.72 -4.61
C THR C 124 -3.56 -15.94 -5.14
N PHE C 125 -4.80 -15.70 -5.58
CA PHE C 125 -5.54 -16.71 -6.34
C PHE C 125 -6.47 -16.08 -7.38
N LYS C 126 -7.02 -16.89 -8.26
CA LYS C 126 -8.02 -16.40 -9.21
C LYS C 126 -9.05 -17.47 -9.53
N TYR C 127 -10.26 -17.00 -9.83
CA TYR C 127 -11.35 -17.87 -10.20
C TYR C 127 -11.15 -18.46 -11.58
N THR C 128 -11.53 -19.72 -11.73
CA THR C 128 -11.32 -20.46 -12.96
C THR C 128 -12.61 -21.24 -13.23
N GLU C 129 -12.79 -21.68 -14.47
CA GLU C 129 -13.89 -22.55 -14.89
C GLU C 129 -13.98 -23.81 -14.01
N ASN C 130 -12.83 -24.45 -13.80
CA ASN C 130 -12.73 -25.70 -13.05
C ASN C 130 -12.50 -25.46 -11.56
N GLY C 131 -12.57 -24.20 -11.15
CA GLY C 131 -12.37 -23.85 -9.76
C GLY C 131 -11.19 -22.91 -9.59
N PRO C 132 -11.03 -22.37 -8.37
CA PRO C 132 -10.07 -21.31 -8.10
C PRO C 132 -8.68 -21.88 -8.07
N VAL C 133 -7.71 -21.10 -8.52
CA VAL C 133 -6.33 -21.53 -8.78
C VAL C 133 -5.37 -20.50 -8.20
N GLY C 134 -4.28 -20.97 -7.58
CA GLY C 134 -3.33 -20.07 -6.95
C GLY C 134 -2.48 -19.26 -7.91
N LEU C 135 -2.08 -18.06 -7.50
CA LEU C 135 -1.33 -17.17 -8.39
C LEU C 135 0.16 -17.13 -8.15
N LEU C 136 0.59 -17.62 -6.99
CA LEU C 136 1.98 -17.52 -6.58
C LEU C 136 2.74 -18.68 -7.13
N GLU C 137 3.96 -18.45 -7.59
CA GLU C 137 4.78 -19.57 -8.00
C GLU C 137 6.19 -19.38 -7.55
N GLY C 138 6.95 -20.47 -7.59
CA GLY C 138 8.34 -20.52 -7.08
C GLY C 138 8.52 -20.34 -5.58
N LYS C 139 7.50 -20.71 -4.83
CA LYS C 139 7.53 -20.57 -3.37
C LYS C 139 7.71 -21.92 -2.74
N LYS C 140 8.21 -21.95 -1.52
CA LYS C 140 8.30 -23.17 -0.74
C LYS C 140 8.01 -22.77 0.75
N ALA C 141 7.30 -23.61 1.50
CA ALA C 141 6.97 -23.28 2.91
C ALA C 141 7.37 -24.42 3.82
N LEU C 142 7.64 -24.07 5.10
CA LEU C 142 7.84 -25.06 6.14
C LEU C 142 6.93 -24.70 7.31
N HIS C 143 6.26 -25.70 7.86
CA HIS C 143 5.47 -25.52 9.09
C HIS C 143 6.13 -26.33 10.18
N ILE C 144 6.46 -25.68 11.29
CA ILE C 144 7.01 -26.31 12.48
C ILE C 144 5.90 -26.17 13.49
N GLN C 145 5.43 -27.27 14.04
CA GLN C 145 4.32 -27.21 14.98
C GLN C 145 4.66 -28.01 16.21
N ALA C 146 4.48 -27.39 17.37
CA ALA C 146 4.69 -28.13 18.62
C ALA C 146 3.33 -28.59 19.15
N THR C 147 3.25 -29.82 19.64
CA THR C 147 1.96 -30.37 20.12
C THR C 147 2.19 -31.21 21.38
N GLY C 148 1.25 -31.14 22.33
CA GLY C 148 1.30 -31.94 23.57
C GLY C 148 1.33 -33.44 23.31
N GLY C 149 0.34 -33.94 22.56
CA GLY C 149 0.28 -35.33 22.14
C GLY C 149 0.97 -35.59 20.79
N VAL C 150 0.66 -36.73 20.19
CA VAL C 150 1.28 -37.18 18.93
C VAL C 150 0.18 -37.24 17.84
N TYR C 151 0.30 -36.41 16.79
CA TYR C 151 -0.69 -36.36 15.68
C TYR C 151 -0.06 -36.51 14.29
N SER C 152 1.26 -36.61 14.22
CA SER C 152 1.94 -36.46 12.93
C SER C 152 1.67 -37.61 11.98
N GLU C 153 1.31 -38.77 12.51
CA GLU C 153 0.99 -39.94 11.68
C GLU C 153 -0.11 -40.68 12.40
N GLY C 154 -0.83 -41.52 11.67
CA GLY C 154 -1.77 -42.45 12.29
C GLY C 154 -3.16 -41.85 12.36
N ALA C 155 -4.00 -42.45 13.19
CA ALA C 155 -5.40 -42.08 13.32
C ALA C 155 -5.58 -40.59 13.67
N TYR C 156 -4.77 -40.11 14.60
CA TYR C 156 -4.94 -38.75 15.13
C TYR C 156 -4.53 -37.64 14.17
N ALA C 157 -3.98 -38.01 13.00
CA ALA C 157 -3.65 -37.06 11.94
C ALA C 157 -4.91 -36.35 11.46
N ALA C 158 -6.06 -37.02 11.61
CA ALA C 158 -7.37 -36.48 11.16
C ALA C 158 -7.85 -35.31 11.98
N VAL C 159 -7.32 -35.17 13.21
CA VAL C 159 -7.69 -34.03 14.07
C VAL C 159 -6.54 -33.00 14.20
N ASP C 160 -5.52 -33.10 13.33
CA ASP C 160 -4.43 -32.10 13.27
C ASP C 160 -4.86 -30.90 12.40
N PHE C 161 -5.81 -30.10 12.90
CA PHE C 161 -6.49 -29.11 12.06
C PHE C 161 -5.64 -27.89 11.70
N GLY C 162 -4.75 -27.49 12.61
CA GLY C 162 -3.80 -26.41 12.37
C GLY C 162 -2.88 -26.77 11.19
N ARG C 163 -2.16 -27.87 11.33
CA ARG C 163 -1.36 -28.41 10.20
C ARG C 163 -2.16 -28.50 8.87
N ASN C 164 -3.29 -29.23 8.90
CA ASN C 164 -4.01 -29.59 7.68
C ASN C 164 -4.67 -28.38 7.02
N HIS C 165 -5.23 -27.46 7.82
CA HIS C 165 -5.78 -26.21 7.27
C HIS C 165 -4.72 -25.32 6.66
N LEU C 166 -3.62 -25.10 7.38
CA LEU C 166 -2.58 -24.23 6.86
C LEU C 166 -1.98 -24.76 5.56
N LYS C 167 -1.69 -26.07 5.50
CA LYS C 167 -1.20 -26.69 4.27
C LYS C 167 -2.19 -26.48 3.13
N THR C 168 -3.49 -26.52 3.43
CA THR C 168 -4.50 -26.36 2.41
C THR C 168 -4.52 -24.92 1.82
N VAL C 169 -4.51 -23.92 2.69
CA VAL C 169 -4.53 -22.53 2.20
C VAL C 169 -3.24 -22.23 1.44
N LEU C 170 -2.11 -22.73 1.94
CA LEU C 170 -0.87 -22.58 1.23
C LEU C 170 -0.98 -23.13 -0.19
N GLY C 171 -1.44 -24.37 -0.32
CA GLY C 171 -1.54 -24.98 -1.63
C GLY C 171 -2.51 -24.21 -2.51
N PHE C 172 -3.54 -23.66 -1.90
CA PHE C 172 -4.57 -22.99 -2.63
C PHE C 172 -4.04 -21.65 -3.20
N VAL C 173 -3.14 -20.96 -2.51
CA VAL C 173 -2.51 -19.75 -3.14
C VAL C 173 -1.32 -20.05 -4.09
N GLY C 174 -0.91 -21.31 -4.18
CA GLY C 174 0.06 -21.73 -5.19
C GLY C 174 1.29 -22.34 -4.53
N VAL C 175 1.38 -22.32 -3.21
CA VAL C 175 2.55 -22.90 -2.53
C VAL C 175 2.26 -24.34 -2.24
N ASN C 176 2.52 -25.17 -3.21
CA ASN C 176 2.39 -26.60 -3.06
C ASN C 176 3.69 -27.38 -2.74
N ASP C 177 4.84 -26.73 -2.51
CA ASP C 177 5.90 -27.44 -1.77
C ASP C 177 5.97 -26.95 -0.34
N THR C 178 5.47 -27.80 0.53
CA THR C 178 5.36 -27.52 1.98
C THR C 178 6.15 -28.63 2.69
N GLU C 179 6.82 -28.29 3.79
CA GLU C 179 7.57 -29.26 4.54
C GLU C 179 6.94 -29.17 5.93
N TYR C 180 7.15 -30.18 6.76
CA TYR C 180 6.59 -30.21 8.09
C TYR C 180 7.55 -30.83 9.09
N ILE C 181 7.66 -30.19 10.26
CA ILE C 181 8.36 -30.76 11.42
C ILE C 181 7.41 -30.69 12.63
N ALA C 182 7.12 -31.84 13.23
CA ALA C 182 6.34 -31.88 14.46
C ALA C 182 7.32 -31.91 15.59
N VAL C 183 7.06 -31.13 16.63
CA VAL C 183 7.76 -31.23 17.90
C VAL C 183 6.68 -31.74 18.83
N GLU C 184 6.61 -33.06 18.99
CA GLU C 184 5.40 -33.67 19.52
C GLU C 184 5.60 -34.64 20.66
N GLY C 185 4.66 -34.64 21.61
CA GLY C 185 4.61 -35.68 22.66
C GLY C 185 5.26 -35.27 23.97
N MET C 186 5.58 -33.98 24.09
CA MET C 186 6.30 -33.53 25.29
C MET C 186 5.43 -33.64 26.52
N ASN C 187 4.12 -33.48 26.35
CA ASN C 187 3.23 -33.55 27.49
C ASN C 187 2.77 -34.97 27.78
N ALA C 188 2.68 -35.80 26.75
CA ALA C 188 2.36 -37.22 26.95
C ALA C 188 3.53 -37.96 27.62
N ASN C 189 4.74 -37.42 27.52
CA ASN C 189 5.94 -38.03 28.14
C ASN C 189 6.90 -36.93 28.59
N PRO C 190 6.59 -36.26 29.72
CA PRO C 190 7.37 -35.09 30.13
C PRO C 190 8.83 -35.36 30.47
N GLU C 191 9.17 -36.60 30.79
CA GLU C 191 10.54 -36.95 31.15
C GLU C 191 11.43 -37.02 29.92
N LYS C 192 10.83 -37.36 28.77
CA LYS C 192 11.55 -37.40 27.50
C LYS C 192 11.43 -36.10 26.68
N ALA C 193 10.93 -35.04 27.31
CA ALA C 193 10.72 -33.75 26.64
C ALA C 193 11.98 -33.14 26.03
N GLN C 194 13.11 -33.20 26.73
CA GLN C 194 14.30 -32.54 26.19
C GLN C 194 14.90 -33.32 25.01
N GLU C 195 14.67 -34.63 25.02
CA GLU C 195 15.16 -35.48 23.94
C GLU C 195 14.28 -35.42 22.69
N ILE C 196 12.98 -35.26 22.91
CA ILE C 196 12.07 -34.92 21.84
C ILE C 196 12.55 -33.60 21.24
N LYS C 197 12.90 -32.65 22.08
CA LYS C 197 13.31 -31.33 21.60
C LYS C 197 14.62 -31.38 20.79
N GLU C 198 15.62 -32.06 21.34
CA GLU C 198 16.90 -32.22 20.66
C GLU C 198 16.78 -32.99 19.36
N ALA C 199 15.92 -33.99 19.30
CA ALA C 199 15.81 -34.69 18.03
C ALA C 199 15.17 -33.77 16.97
N ALA C 200 14.18 -32.98 17.38
CA ALA C 200 13.50 -32.05 16.48
C ALA C 200 14.48 -30.96 15.97
N ILE C 201 15.34 -30.50 16.86
CA ILE C 201 16.39 -29.52 16.58
C ILE C 201 17.35 -30.10 15.52
N ALA C 202 17.80 -31.34 15.69
CA ALA C 202 18.59 -32.02 14.67
C ALA C 202 17.83 -32.18 13.34
N ASN C 203 16.55 -32.58 13.44
CA ASN C 203 15.69 -32.64 12.25
C ASN C 203 15.74 -31.30 11.47
N ALA C 204 15.54 -30.20 12.19
CA ALA C 204 15.48 -28.86 11.59
C ALA C 204 16.81 -28.41 11.00
N ARG C 205 17.92 -28.74 11.69
CA ARG C 205 19.24 -28.35 11.20
C ARG C 205 19.60 -29.11 9.90
N GLU C 206 19.20 -30.37 9.77
CA GLU C 206 19.45 -31.09 8.51
C GLU C 206 18.54 -30.58 7.37
N LEU C 207 17.29 -30.26 7.69
CA LEU C 207 16.34 -29.69 6.71
C LEU C 207 16.86 -28.37 6.13
N ALA C 208 17.49 -27.57 7.00
CA ALA C 208 17.98 -26.25 6.63
C ALA C 208 19.03 -26.33 5.48
N LYS C 209 19.75 -27.46 5.44
CA LYS C 209 20.71 -27.78 4.38
C LYS C 209 20.11 -28.07 3.02
N ARG C 210 18.82 -28.38 2.99
CA ARG C 210 18.18 -28.71 1.75
C ARG C 210 16.88 -27.90 1.52
N PHE C 211 16.67 -26.85 2.29
CA PHE C 211 15.45 -26.06 2.13
C PHE C 211 15.67 -24.89 1.16
N THR D 2 -34.60 -24.43 29.89
CA THR D 2 -33.67 -24.55 28.71
C THR D 2 -33.07 -23.20 28.25
N LYS D 3 -31.75 -23.07 28.39
CA LYS D 3 -31.02 -21.88 27.96
C LYS D 3 -30.33 -22.18 26.61
N VAL D 4 -30.74 -21.46 25.56
CA VAL D 4 -30.08 -21.57 24.25
C VAL D 4 -29.11 -20.38 24.04
N LEU D 5 -27.89 -20.65 23.60
CA LEU D 5 -26.98 -19.59 23.13
C LEU D 5 -26.93 -19.56 21.60
N PHE D 6 -27.25 -18.42 20.99
CA PHE D 6 -27.23 -18.18 19.54
C PHE D 6 -25.94 -17.40 19.29
N ILE D 7 -24.89 -18.15 18.93
CA ILE D 7 -23.53 -17.65 18.80
C ILE D 7 -23.30 -17.33 17.32
N THR D 8 -23.19 -16.05 16.99
CA THR D 8 -23.01 -15.66 15.60
C THR D 8 -21.61 -15.14 15.36
N ALA D 9 -21.04 -15.49 14.20
CA ALA D 9 -19.72 -15.02 13.86
C ALA D 9 -19.81 -14.52 12.42
N ASN D 10 -20.71 -13.59 12.17
CA ASN D 10 -20.72 -13.00 10.87
C ASN D 10 -20.78 -11.48 11.06
N PRO D 11 -19.92 -10.71 10.36
CA PRO D 11 -20.01 -9.23 10.49
C PRO D 11 -21.25 -8.61 9.84
N ASN D 12 -21.98 -9.36 9.01
CA ASN D 12 -23.23 -8.85 8.40
C ASN D 12 -24.49 -9.40 9.07
N SER D 13 -25.57 -8.61 9.03
CA SER D 13 -26.85 -9.01 9.62
C SER D 13 -27.55 -9.99 8.70
N ALA D 14 -28.70 -10.47 9.15
CA ALA D 14 -29.54 -11.39 8.37
C ALA D 14 -29.85 -10.84 6.99
N GLU D 15 -29.72 -9.53 6.80
CA GLU D 15 -30.04 -8.92 5.52
C GLU D 15 -28.91 -9.09 4.54
N GLY D 16 -27.68 -9.20 5.04
CA GLY D 16 -26.53 -9.34 4.19
C GLY D 16 -25.89 -10.72 4.18
N SER D 17 -26.40 -11.65 4.99
CA SER D 17 -25.79 -12.96 5.16
C SER D 17 -26.75 -14.14 4.87
N PHE D 18 -26.26 -15.17 4.18
CA PHE D 18 -27.06 -16.40 4.02
C PHE D 18 -27.10 -17.20 5.30
N GLY D 19 -25.94 -17.37 5.95
CA GLY D 19 -25.93 -18.09 7.25
C GLY D 19 -26.88 -17.43 8.26
N MET D 20 -26.85 -16.10 8.33
CA MET D 20 -27.68 -15.35 9.29
C MET D 20 -29.19 -15.37 8.99
N ALA D 21 -29.55 -15.45 7.70
CA ALA D 21 -30.96 -15.60 7.28
C ALA D 21 -31.53 -16.95 7.73
N VAL D 22 -30.75 -18.00 7.49
CA VAL D 22 -31.09 -19.36 7.93
C VAL D 22 -31.06 -19.46 9.46
N GLY D 23 -30.07 -18.85 10.11
CA GLY D 23 -29.96 -18.87 11.59
C GLY D 23 -31.11 -18.13 12.26
N GLU D 24 -31.44 -16.95 11.74
CA GLU D 24 -32.61 -16.22 12.24
C GLU D 24 -33.92 -17.00 12.02
N ALA D 25 -34.08 -17.61 10.84
CA ALA D 25 -35.21 -18.55 10.60
C ALA D 25 -35.27 -19.69 11.64
N PHE D 26 -34.14 -20.36 11.89
CA PHE D 26 -34.11 -21.43 12.86
C PHE D 26 -34.59 -20.90 14.23
N ILE D 27 -33.95 -19.84 14.70
CA ILE D 27 -34.11 -19.38 16.06
C ILE D 27 -35.53 -18.83 16.26
N GLU D 28 -36.07 -18.20 15.23
CA GLU D 28 -37.45 -17.71 15.31
C GLU D 28 -38.46 -18.87 15.40
N ALA D 29 -38.29 -19.90 14.57
CA ALA D 29 -39.14 -21.08 14.63
C ALA D 29 -39.01 -21.76 15.99
N TYR D 30 -37.78 -21.85 16.49
CA TYR D 30 -37.50 -22.46 17.79
C TYR D 30 -38.25 -21.80 18.94
N LYS D 31 -38.15 -20.47 19.05
CA LYS D 31 -38.89 -19.71 20.07
C LYS D 31 -40.41 -19.89 19.98
N ASN D 32 -40.96 -19.99 18.76
CA ASN D 32 -42.36 -20.37 18.60
C ASN D 32 -42.64 -21.71 19.28
N GLU D 33 -41.77 -22.68 19.06
CA GLU D 33 -41.96 -24.01 19.55
C GLU D 33 -41.80 -24.08 21.07
N HIS D 34 -40.96 -23.23 21.65
CA HIS D 34 -40.74 -23.25 23.08
C HIS D 34 -40.67 -21.85 23.63
N PRO D 35 -41.82 -21.14 23.67
CA PRO D 35 -41.80 -19.73 24.11
C PRO D 35 -41.26 -19.49 25.53
N GLN D 36 -41.17 -20.52 26.35
CA GLN D 36 -40.64 -20.36 27.71
C GLN D 36 -39.10 -20.57 27.84
N ASP D 37 -38.45 -21.05 26.77
CA ASP D 37 -36.99 -21.23 26.77
C ASP D 37 -36.26 -19.87 26.65
N GLU D 38 -35.10 -19.76 27.28
CA GLU D 38 -34.32 -18.53 27.24
C GLU D 38 -33.24 -18.59 26.11
N VAL D 39 -33.39 -17.72 25.12
CA VAL D 39 -32.53 -17.67 23.96
C VAL D 39 -31.75 -16.37 24.00
N VAL D 40 -30.43 -16.50 24.13
CA VAL D 40 -29.55 -15.34 24.21
C VAL D 40 -28.59 -15.28 23.02
N THR D 41 -28.58 -14.14 22.35
CA THR D 41 -27.62 -13.94 21.25
C THR D 41 -26.25 -13.54 21.76
N ILE D 42 -25.23 -14.30 21.38
CA ILE D 42 -23.90 -13.77 21.54
C ILE D 42 -23.29 -13.55 20.17
N ASP D 43 -23.12 -12.27 19.86
CA ASP D 43 -22.45 -11.88 18.64
C ASP D 43 -20.93 -11.81 18.89
N LEU D 44 -20.19 -12.66 18.20
CA LEU D 44 -18.76 -12.74 18.41
C LEU D 44 -18.03 -11.53 17.83
N PHE D 45 -18.67 -10.75 16.98
CA PHE D 45 -18.08 -9.47 16.56
C PHE D 45 -18.39 -8.33 17.53
N ASN D 46 -19.08 -8.63 18.65
CA ASN D 46 -19.42 -7.61 19.65
C ASN D 46 -18.80 -7.95 21.01
N THR D 47 -19.16 -9.11 21.53
CA THR D 47 -18.70 -9.60 22.81
C THR D 47 -17.18 -9.63 22.89
N THR D 48 -16.62 -9.26 24.06
CA THR D 48 -15.16 -9.35 24.15
C THR D 48 -14.67 -10.81 24.32
N VAL D 49 -13.78 -11.27 23.44
CA VAL D 49 -13.26 -12.64 23.52
C VAL D 49 -11.74 -12.58 23.56
N PRO D 50 -11.12 -12.52 24.75
CA PRO D 50 -9.66 -12.31 24.77
C PRO D 50 -8.90 -13.47 24.12
N ALA D 51 -8.01 -13.14 23.18
CA ALA D 51 -7.03 -14.07 22.62
C ALA D 51 -6.07 -14.49 23.73
N ILE D 52 -5.71 -15.76 23.77
CA ILE D 52 -4.63 -16.23 24.68
C ILE D 52 -3.34 -15.61 24.19
N ASP D 53 -2.66 -14.88 25.08
CA ASP D 53 -1.47 -14.08 24.72
C ASP D 53 -0.47 -14.11 25.90
N ALA D 54 0.55 -13.26 25.88
CA ALA D 54 1.56 -13.22 26.97
C ALA D 54 0.92 -12.87 28.32
N ASP D 55 -0.02 -11.93 28.31
CA ASP D 55 -0.75 -11.58 29.54
C ASP D 55 -1.53 -12.73 30.13
N VAL D 56 -2.29 -13.44 29.30
CA VAL D 56 -3.03 -14.62 29.79
C VAL D 56 -2.08 -15.68 30.36
N PHE D 57 -1.01 -15.98 29.62
CA PHE D 57 -0.03 -16.93 30.13
C PHE D 57 0.60 -16.42 31.42
N ALA D 58 0.90 -15.12 31.49
CA ALA D 58 1.42 -14.59 32.73
C ALA D 58 0.35 -14.82 33.84
N ALA D 59 -0.91 -14.50 33.55
CA ALA D 59 -1.98 -14.67 34.53
C ALA D 59 -2.09 -16.09 35.02
N TRP D 60 -2.07 -17.04 34.08
CA TRP D 60 -2.16 -18.48 34.41
C TRP D 60 -0.97 -18.96 35.21
N GLY D 61 0.22 -18.44 34.91
CA GLY D 61 1.42 -18.76 35.71
C GLY D 61 1.25 -18.40 37.19
N LYS D 62 0.73 -17.19 37.45
CA LYS D 62 0.38 -16.77 38.81
C LYS D 62 -0.63 -17.71 39.50
N PHE D 63 -1.75 -18.00 38.85
CA PHE D 63 -2.76 -18.91 39.42
C PHE D 63 -2.20 -20.29 39.76
N ALA D 64 -1.28 -20.78 38.92
CA ALA D 64 -0.58 -22.06 39.13
C ALA D 64 0.47 -22.03 40.25
N ALA D 65 0.86 -20.84 40.70
CA ALA D 65 1.84 -20.71 41.77
C ALA D 65 1.12 -20.75 43.11
N GLY D 66 -0.08 -20.16 43.13
CA GLY D 66 -0.83 -19.98 44.35
C GLY D 66 -1.27 -18.53 44.45
N GLU D 67 -0.64 -17.66 43.66
CA GLU D 67 -0.96 -16.24 43.63
C GLU D 67 -2.41 -16.05 43.19
N GLY D 68 -3.05 -14.99 43.67
CA GLY D 68 -4.46 -14.76 43.44
C GLY D 68 -4.73 -13.66 42.44
N PHE D 69 -5.97 -13.16 42.43
CA PHE D 69 -6.42 -12.21 41.42
C PHE D 69 -5.64 -10.89 41.44
N GLU D 70 -5.44 -10.32 42.63
CA GLU D 70 -4.82 -9.01 42.73
C GLU D 70 -3.29 -9.04 42.59
N ALA D 71 -2.75 -10.23 42.32
CA ALA D 71 -1.36 -10.36 41.89
C ALA D 71 -1.22 -10.06 40.39
N LEU D 72 -2.34 -10.04 39.68
CA LEU D 72 -2.35 -9.80 38.25
C LEU D 72 -2.36 -8.30 38.04
N THR D 73 -1.77 -7.86 36.93
CA THR D 73 -1.85 -6.47 36.47
C THR D 73 -3.29 -6.18 36.07
N GLU D 74 -3.65 -4.91 35.91
CA GLU D 74 -5.04 -4.55 35.59
C GLU D 74 -5.48 -5.18 34.28
N VAL D 75 -4.60 -5.15 33.28
CA VAL D 75 -4.93 -5.70 31.98
C VAL D 75 -5.13 -7.21 32.08
N GLN D 76 -4.25 -7.89 32.82
CA GLN D 76 -4.39 -9.32 33.06
C GLN D 76 -5.76 -9.65 33.68
N GLN D 77 -6.15 -8.85 34.66
CA GLN D 77 -7.42 -9.01 35.38
C GLN D 77 -8.60 -8.86 34.44
N GLN D 78 -8.54 -7.83 33.60
CA GLN D 78 -9.61 -7.62 32.64
C GLN D 78 -9.66 -8.75 31.61
N LYS D 79 -8.52 -9.36 31.27
CA LYS D 79 -8.52 -10.45 30.27
C LYS D 79 -9.10 -11.74 30.82
N VAL D 80 -8.59 -12.14 31.98
CA VAL D 80 -9.12 -13.29 32.71
C VAL D 80 -10.63 -13.16 33.09
N ALA D 81 -11.07 -11.96 33.49
CA ALA D 81 -12.47 -11.74 33.84
C ALA D 81 -13.32 -12.00 32.61
N ALA D 82 -12.92 -11.44 31.46
CA ALA D 82 -13.71 -11.56 30.22
C ALA D 82 -13.76 -13.02 29.73
N MET D 83 -12.61 -13.69 29.77
CA MET D 83 -12.51 -15.13 29.52
C MET D 83 -13.44 -15.98 30.40
N ASN D 84 -13.35 -15.76 31.71
CA ASN D 84 -14.19 -16.44 32.71
C ASN D 84 -15.67 -16.25 32.50
N THR D 85 -16.05 -15.04 32.06
CA THR D 85 -17.44 -14.72 31.78
C THR D 85 -17.91 -15.57 30.60
N ASN D 86 -17.08 -15.69 29.57
CA ASN D 86 -17.47 -16.40 28.38
C ASN D 86 -17.65 -17.86 28.70
N LEU D 87 -16.74 -18.36 29.51
CA LEU D 87 -16.72 -19.75 29.88
C LEU D 87 -17.98 -20.11 30.69
N GLU D 88 -18.28 -19.29 31.68
CA GLU D 88 -19.42 -19.50 32.58
C GLU D 88 -20.73 -19.50 31.80
N THR D 89 -20.90 -18.51 30.94
CA THR D 89 -22.10 -18.47 30.08
C THR D 89 -22.21 -19.77 29.28
N PHE D 90 -21.12 -20.22 28.69
CA PHE D 90 -21.11 -21.46 27.91
C PHE D 90 -21.45 -22.67 28.79
N MET D 91 -20.76 -22.84 29.90
CA MET D 91 -20.97 -24.03 30.75
C MET D 91 -22.43 -24.14 31.22
N ASN D 92 -23.08 -23.00 31.40
CA ASN D 92 -24.41 -22.94 32.00
C ASN D 92 -25.59 -23.04 31.06
N ALA D 93 -25.33 -22.89 29.77
CA ALA D 93 -26.38 -23.00 28.78
C ALA D 93 -26.60 -24.49 28.44
N ASP D 94 -27.74 -24.79 27.80
CA ASP D 94 -28.09 -26.17 27.47
C ASP D 94 -27.92 -26.48 25.99
N ARG D 95 -28.06 -25.47 25.14
CA ARG D 95 -28.06 -25.64 23.69
C ARG D 95 -27.17 -24.58 23.11
N TYR D 96 -26.41 -24.95 22.08
CA TYR D 96 -25.56 -24.01 21.40
C TYR D 96 -25.91 -24.04 19.95
N VAL D 97 -26.05 -22.87 19.33
CA VAL D 97 -26.28 -22.77 17.88
C VAL D 97 -25.18 -21.84 17.35
N PHE D 98 -24.32 -22.33 16.45
CA PHE D 98 -23.26 -21.53 15.89
C PHE D 98 -23.58 -21.21 14.44
N VAL D 99 -23.40 -19.95 14.06
CA VAL D 99 -23.61 -19.55 12.68
C VAL D 99 -22.31 -18.94 12.20
N THR D 100 -21.72 -19.53 11.14
CA THR D 100 -20.46 -19.03 10.59
C THR D 100 -20.48 -19.04 9.06
N PRO D 101 -19.69 -18.15 8.43
CA PRO D 101 -19.48 -18.28 7.00
C PRO D 101 -18.19 -19.05 6.79
N MET D 102 -18.05 -19.71 5.64
CA MET D 102 -16.73 -20.23 5.28
C MET D 102 -15.85 -19.15 4.63
N TRP D 103 -14.74 -18.80 5.31
CA TRP D 103 -13.72 -17.94 4.74
C TRP D 103 -12.44 -18.71 4.64
N ASN D 104 -11.93 -18.93 3.43
CA ASN D 104 -10.64 -19.62 3.20
C ASN D 104 -10.57 -20.99 3.89
N PHE D 105 -11.63 -21.74 3.65
CA PHE D 105 -11.83 -23.11 4.10
C PHE D 105 -12.00 -23.29 5.57
N SER D 106 -12.30 -22.23 6.30
CA SER D 106 -12.51 -22.36 7.73
C SER D 106 -13.44 -21.22 8.15
N TYR D 107 -13.45 -20.92 9.44
CA TYR D 107 -14.37 -19.94 9.97
C TYR D 107 -13.58 -18.61 10.30
N PRO D 108 -14.31 -17.54 10.65
CA PRO D 108 -13.62 -16.33 11.05
C PRO D 108 -12.77 -16.61 12.28
N PRO D 109 -11.65 -15.88 12.42
CA PRO D 109 -10.72 -16.11 13.52
C PRO D 109 -11.34 -16.07 14.93
N VAL D 110 -12.33 -15.19 15.16
CA VAL D 110 -12.92 -15.06 16.46
C VAL D 110 -13.61 -16.36 16.95
N VAL D 111 -13.97 -17.28 16.06
CA VAL D 111 -14.53 -18.58 16.47
C VAL D 111 -13.50 -19.41 17.19
N LYS D 112 -12.27 -19.41 16.66
CA LYS D 112 -11.14 -20.03 17.37
C LYS D 112 -10.90 -19.41 18.73
N ALA D 113 -10.95 -18.08 18.82
CA ALA D 113 -10.63 -17.38 20.09
C ALA D 113 -11.69 -17.78 21.08
N TYR D 114 -12.94 -17.85 20.60
CA TYR D 114 -14.06 -18.30 21.46
C TYR D 114 -13.86 -19.73 21.96
N LEU D 115 -13.48 -20.63 21.06
CA LEU D 115 -13.25 -22.01 21.45
C LEU D 115 -12.15 -22.17 22.51
N ASP D 116 -11.10 -21.36 22.38
CA ASP D 116 -9.98 -21.33 23.34
C ASP D 116 -10.45 -20.75 24.72
N ASN D 117 -11.53 -19.96 24.73
CA ASN D 117 -12.13 -19.47 25.98
C ASN D 117 -12.94 -20.57 26.68
N VAL D 118 -13.58 -21.44 25.89
CA VAL D 118 -14.52 -22.38 26.50
C VAL D 118 -13.98 -23.80 26.72
N ALA D 119 -12.80 -24.10 26.18
CA ALA D 119 -12.16 -25.38 26.41
C ALA D 119 -11.07 -25.24 27.49
N ILE D 120 -11.48 -25.38 28.75
CA ILE D 120 -10.61 -25.15 29.92
C ILE D 120 -10.54 -26.39 30.82
N ALA D 121 -9.33 -26.83 31.18
CA ALA D 121 -9.14 -28.00 32.07
C ALA D 121 -9.73 -27.83 33.48
N GLY D 122 -10.51 -28.80 33.93
CA GLY D 122 -11.11 -28.74 35.24
C GLY D 122 -12.42 -28.01 35.17
N LYS D 123 -12.77 -27.47 34.00
CA LYS D 123 -14.06 -26.80 33.84
C LYS D 123 -14.86 -27.50 32.78
N THR D 124 -14.36 -27.52 31.53
CA THR D 124 -15.08 -28.25 30.48
C THR D 124 -14.44 -29.57 30.02
N PHE D 125 -13.25 -29.85 30.53
CA PHE D 125 -12.60 -31.14 30.36
C PHE D 125 -11.60 -31.44 31.50
N LYS D 126 -11.32 -32.71 31.72
CA LYS D 126 -10.25 -33.14 32.65
C LYS D 126 -9.33 -34.15 31.96
N TYR D 127 -8.09 -34.23 32.45
CA TYR D 127 -7.12 -35.30 32.10
C TYR D 127 -7.39 -36.56 32.89
N THR D 128 -7.14 -37.69 32.24
CA THR D 128 -7.30 -39.02 32.82
C THR D 128 -6.09 -39.80 32.34
N GLU D 129 -5.92 -41.02 32.82
CA GLU D 129 -4.90 -41.95 32.34
C GLU D 129 -4.92 -42.08 30.81
N ASN D 130 -6.14 -42.24 30.28
CA ASN D 130 -6.40 -42.40 28.85
C ASN D 130 -6.30 -41.12 28.03
N GLY D 131 -6.08 -40.00 28.71
CA GLY D 131 -6.06 -38.71 28.04
C GLY D 131 -7.35 -37.95 28.30
N PRO D 132 -7.43 -36.70 27.81
CA PRO D 132 -8.50 -35.78 28.28
C PRO D 132 -9.88 -36.28 27.89
N VAL D 133 -10.88 -36.08 28.76
CA VAL D 133 -12.30 -36.30 28.42
C VAL D 133 -13.14 -35.09 28.78
N GLY D 134 -14.25 -34.94 28.08
CA GLY D 134 -15.16 -33.84 28.28
C GLY D 134 -15.92 -33.92 29.58
N LEU D 135 -16.21 -32.75 30.14
CA LEU D 135 -16.96 -32.62 31.40
C LEU D 135 -18.37 -32.14 31.22
N LEU D 136 -18.72 -31.60 30.06
CA LEU D 136 -20.10 -31.13 29.87
C LEU D 136 -21.03 -32.30 29.57
N GLU D 137 -22.20 -32.30 30.19
CA GLU D 137 -23.18 -33.32 29.93
C GLU D 137 -24.52 -32.66 29.60
N GLY D 138 -25.33 -33.37 28.81
CA GLY D 138 -26.69 -32.92 28.55
C GLY D 138 -26.79 -31.69 27.68
N LYS D 139 -25.77 -31.48 26.84
CA LYS D 139 -25.79 -30.39 25.87
C LYS D 139 -26.11 -30.85 24.44
N LYS D 140 -26.58 -29.94 23.62
CA LYS D 140 -26.78 -30.25 22.21
C LYS D 140 -26.33 -29.03 21.45
N ALA D 141 -25.70 -29.22 20.28
CA ALA D 141 -25.31 -28.10 19.40
C ALA D 141 -25.81 -28.23 17.98
N LEU D 142 -25.95 -27.07 17.33
CA LEU D 142 -26.18 -27.00 15.91
C LEU D 142 -25.15 -26.01 15.35
N HIS D 143 -24.61 -26.35 14.17
CA HIS D 143 -23.79 -25.47 13.34
C HIS D 143 -24.48 -25.25 12.05
N ILE D 144 -24.84 -24.00 11.73
CA ILE D 144 -25.22 -23.66 10.39
C ILE D 144 -24.06 -22.91 9.71
N GLN D 145 -23.62 -23.42 8.57
CA GLN D 145 -22.45 -22.85 7.89
C GLN D 145 -22.85 -22.45 6.49
N ALA D 146 -22.57 -21.20 6.09
CA ALA D 146 -22.78 -20.82 4.69
C ALA D 146 -21.44 -20.83 3.96
N THR D 147 -21.43 -21.38 2.75
CA THR D 147 -20.19 -21.59 2.01
C THR D 147 -20.49 -21.35 0.53
N GLY D 148 -19.56 -20.67 -0.13
CA GLY D 148 -19.65 -20.38 -1.56
C GLY D 148 -19.78 -21.64 -2.43
N GLY D 149 -18.84 -22.58 -2.26
CA GLY D 149 -18.88 -23.86 -2.95
C GLY D 149 -19.68 -24.92 -2.18
N VAL D 150 -19.50 -26.17 -2.59
CA VAL D 150 -20.23 -27.30 -1.94
C VAL D 150 -19.31 -28.28 -1.23
N TYR D 151 -19.53 -28.50 0.05
CA TYR D 151 -18.54 -29.23 0.85
C TYR D 151 -19.17 -30.25 1.76
N SER D 152 -20.48 -30.27 1.81
CA SER D 152 -21.20 -31.07 2.82
C SER D 152 -21.00 -32.58 2.65
N GLU D 153 -20.65 -33.01 1.45
CA GLU D 153 -20.75 -34.40 1.04
C GLU D 153 -19.59 -34.70 0.09
N GLY D 154 -19.08 -35.93 0.13
CA GLY D 154 -18.08 -36.38 -0.86
C GLY D 154 -16.69 -35.81 -0.69
N ALA D 155 -15.96 -35.69 -1.79
CA ALA D 155 -14.52 -35.41 -1.77
C ALA D 155 -14.12 -34.15 -0.97
N TYR D 156 -14.80 -33.04 -1.26
CA TYR D 156 -14.50 -31.74 -0.68
C TYR D 156 -14.83 -31.57 0.80
N ALA D 157 -15.56 -32.53 1.37
CA ALA D 157 -15.73 -32.57 2.82
C ALA D 157 -14.39 -32.55 3.56
N ALA D 158 -13.36 -33.17 2.97
CA ALA D 158 -12.02 -33.18 3.57
C ALA D 158 -11.44 -31.78 3.81
N VAL D 159 -11.86 -30.76 3.05
CA VAL D 159 -11.37 -29.39 3.29
C VAL D 159 -12.39 -28.44 4.01
N ASP D 160 -13.38 -29.03 4.67
CA ASP D 160 -14.35 -28.26 5.42
C ASP D 160 -13.85 -28.07 6.84
N PHE D 161 -12.75 -27.35 7.01
CA PHE D 161 -12.05 -27.28 8.33
C PHE D 161 -12.82 -26.59 9.43
N GLY D 162 -13.57 -25.55 9.07
CA GLY D 162 -14.46 -24.84 9.98
C GLY D 162 -15.49 -25.77 10.59
N ARG D 163 -16.24 -26.49 9.73
CA ARG D 163 -17.14 -27.50 10.22
C ARG D 163 -16.50 -28.62 11.06
N ASN D 164 -15.43 -29.26 10.57
CA ASN D 164 -14.87 -30.42 11.22
C ASN D 164 -14.15 -30.08 12.54
N HIS D 165 -13.52 -28.92 12.56
CA HIS D 165 -12.83 -28.50 13.75
C HIS D 165 -13.80 -28.13 14.87
N LEU D 166 -14.83 -27.35 14.55
CA LEU D 166 -15.88 -27.02 15.52
C LEU D 166 -16.53 -28.25 16.20
N LYS D 167 -17.01 -29.20 15.39
CA LYS D 167 -17.53 -30.49 15.86
C LYS D 167 -16.51 -31.22 16.75
N THR D 168 -15.22 -31.14 16.37
CA THR D 168 -14.14 -31.82 17.11
C THR D 168 -13.97 -31.21 18.49
N VAL D 169 -13.91 -29.89 18.54
CA VAL D 169 -13.81 -29.23 19.86
C VAL D 169 -15.03 -29.48 20.76
N LEU D 170 -16.22 -29.26 20.22
CA LEU D 170 -17.46 -29.56 20.94
C LEU D 170 -17.46 -31.02 21.47
N GLY D 171 -17.10 -31.98 20.60
CA GLY D 171 -17.02 -33.37 21.00
C GLY D 171 -16.07 -33.53 22.15
N PHE D 172 -14.94 -32.84 22.05
CA PHE D 172 -13.91 -32.91 23.06
C PHE D 172 -14.37 -32.37 24.43
N VAL D 173 -15.16 -31.30 24.46
CA VAL D 173 -15.70 -30.82 25.77
C VAL D 173 -16.95 -31.58 26.24
N GLY D 174 -17.39 -32.54 25.44
CA GLY D 174 -18.48 -33.46 25.82
C GLY D 174 -19.79 -33.21 25.10
N VAL D 175 -19.81 -32.26 24.17
CA VAL D 175 -20.99 -32.06 23.33
C VAL D 175 -20.85 -32.97 22.08
N ASN D 176 -21.25 -34.22 22.20
CA ASN D 176 -21.22 -35.17 21.07
C ASN D 176 -22.52 -35.23 20.23
N ASP D 177 -23.60 -34.65 20.75
CA ASP D 177 -24.87 -34.54 20.04
C ASP D 177 -24.89 -33.20 19.29
N THR D 178 -24.57 -33.23 18.01
CA THR D 178 -24.49 -32.01 17.23
C THR D 178 -25.29 -32.17 15.94
N GLU D 179 -25.76 -31.07 15.39
CA GLU D 179 -26.51 -31.09 14.15
C GLU D 179 -25.80 -30.13 13.21
N TYR D 180 -26.03 -30.30 11.92
CA TYR D 180 -25.34 -29.52 10.92
C TYR D 180 -26.27 -29.13 9.79
N ILE D 181 -26.30 -27.85 9.42
CA ILE D 181 -27.06 -27.40 8.27
C ILE D 181 -26.12 -26.53 7.44
N ALA D 182 -25.88 -26.95 6.20
CA ALA D 182 -25.09 -26.23 5.21
C ALA D 182 -26.00 -25.34 4.34
N VAL D 183 -25.56 -24.13 4.02
CA VAL D 183 -26.22 -23.26 3.06
C VAL D 183 -25.12 -23.05 2.03
N GLU D 184 -25.11 -23.92 1.03
CA GLU D 184 -23.93 -24.12 0.19
C GLU D 184 -24.24 -23.99 -1.31
N GLY D 185 -23.26 -23.54 -2.08
CA GLY D 185 -23.38 -23.53 -3.54
C GLY D 185 -23.85 -22.21 -4.13
N MET D 186 -24.07 -21.21 -3.30
CA MET D 186 -24.59 -19.91 -3.77
C MET D 186 -23.62 -19.14 -4.65
N ASN D 187 -22.32 -19.34 -4.47
CA ASN D 187 -21.35 -18.74 -5.40
C ASN D 187 -20.96 -19.70 -6.52
N ALA D 188 -21.19 -20.99 -6.32
CA ALA D 188 -20.98 -21.94 -7.41
C ALA D 188 -22.07 -21.76 -8.44
N ASN D 189 -23.27 -21.41 -7.97
CA ASN D 189 -24.43 -21.23 -8.85
C ASN D 189 -25.33 -20.05 -8.47
N PRO D 190 -24.95 -18.81 -8.87
CA PRO D 190 -25.72 -17.66 -8.37
C PRO D 190 -27.21 -17.68 -8.76
N GLU D 191 -27.56 -18.38 -9.84
CA GLU D 191 -28.95 -18.41 -10.30
C GLU D 191 -29.83 -19.21 -9.34
N LYS D 192 -29.20 -20.10 -8.60
CA LYS D 192 -29.86 -20.95 -7.63
C LYS D 192 -29.79 -20.38 -6.20
N ALA D 193 -29.09 -19.27 -6.00
CA ALA D 193 -28.90 -18.74 -4.66
C ALA D 193 -30.19 -18.69 -3.86
N GLN D 194 -31.26 -18.24 -4.50
CA GLN D 194 -32.48 -18.00 -3.78
C GLN D 194 -33.21 -19.32 -3.41
N GLU D 195 -33.23 -20.30 -4.32
CA GLU D 195 -33.75 -21.63 -3.97
C GLU D 195 -32.87 -22.38 -2.96
N ILE D 196 -31.57 -22.13 -3.01
CA ILE D 196 -30.68 -22.77 -2.09
C ILE D 196 -31.04 -22.21 -0.73
N LYS D 197 -31.26 -20.90 -0.66
CA LYS D 197 -31.55 -20.23 0.62
C LYS D 197 -32.89 -20.67 1.21
N GLU D 198 -33.93 -20.76 0.38
CA GLU D 198 -35.25 -21.19 0.87
C GLU D 198 -35.31 -22.67 1.31
N ALA D 199 -34.67 -23.56 0.55
CA ALA D 199 -34.60 -24.98 0.97
C ALA D 199 -33.89 -25.10 2.35
N ALA D 200 -32.83 -24.34 2.55
CA ALA D 200 -32.12 -24.37 3.84
C ALA D 200 -33.00 -23.83 4.99
N ILE D 201 -33.73 -22.76 4.72
CA ILE D 201 -34.69 -22.21 5.69
C ILE D 201 -35.72 -23.27 6.12
N ALA D 202 -36.35 -23.90 5.14
CA ALA D 202 -37.26 -25.03 5.39
C ALA D 202 -36.59 -26.17 6.20
N ASN D 203 -35.33 -26.48 5.88
CA ASN D 203 -34.55 -27.48 6.68
C ASN D 203 -34.40 -27.03 8.13
N ALA D 204 -34.12 -25.74 8.32
CA ALA D 204 -33.92 -25.16 9.63
C ALA D 204 -35.23 -25.16 10.42
N ARG D 205 -36.31 -24.79 9.74
CA ARG D 205 -37.63 -24.75 10.37
C ARG D 205 -38.06 -26.12 10.89
N GLU D 206 -37.75 -27.17 10.13
CA GLU D 206 -38.14 -28.52 10.57
C GLU D 206 -37.28 -28.96 11.73
N LEU D 207 -35.97 -28.67 11.67
CA LEU D 207 -35.07 -29.07 12.78
C LEU D 207 -35.47 -28.36 14.08
N ALA D 208 -36.01 -27.15 13.97
CA ALA D 208 -36.40 -26.38 15.15
C ALA D 208 -37.46 -27.10 16.00
N LYS D 209 -38.30 -27.92 15.34
CA LYS D 209 -39.32 -28.68 16.04
C LYS D 209 -38.75 -29.89 16.75
N ARG D 210 -37.57 -30.35 16.36
CA ARG D 210 -37.00 -31.46 17.10
C ARG D 210 -35.74 -31.11 17.84
N PHE D 211 -35.33 -29.87 17.78
CA PHE D 211 -34.08 -29.50 18.43
C PHE D 211 -34.22 -29.37 19.94
#